data_6M5Z
#
_entry.id   6M5Z
#
_cell.length_a   38.559
_cell.length_b   52.305
_cell.length_c   98.535
_cell.angle_alpha   79.74
_cell.angle_beta   88.60
_cell.angle_gamma   84.30
#
_symmetry.space_group_name_H-M   'P 1'
#
loop_
_entity.id
_entity.type
_entity.pdbx_description
1 polymer 'GH30 Xylanase C'
2 non-polymer alpha-D-mannopyranose
3 non-polymer GLYCEROL
4 non-polymer 'ACETATE ION'
5 water water
#
_entity_poly.entity_id   1
_entity_poly.type   'polypeptide(L)'
_entity_poly.pdbx_seq_one_letter_code
;MWSLKSNSTALAVALNGIVALG(PCA)TITVNPSTTYQTIDGFGFSEAFGFGAPIASASASIQTQVTNYLFSTTTGAGLT
ILRNRIAAGSGSIEPNAPSGPNAQPTYTWDGNDAGQVWWSKQARAKGVKYIYADAWSAPAFMKTNDNVANGGYLCGTTGE
TCSSGDWRQAYANYLVQYIKDYANEGITIDFVGWLNEPDYSPNYDSMLITSGTQAASFIPTLYNTIKSAGLSTGIACCDP
FGWSDAVTWTAQLASAGATQYLARITSHWYASKGTSPINTSLRVWETEYADLDDAFTTTWYSSGAANEGLTWANLIWQGV
VEADLSAFLYWIGAQSNSNAAGLVTLNGSTVQASGTLWAFAMFSRFIRPDAVRISTSGSPSNVNVGAFKNADGSIVVVAI
NNNGNSETISLSGITASKVSAYYMDSAVSSPSTFSATLNGGTVGGSLPARSMVTFVITT
;
_entity_poly.pdbx_strand_id   A,B
#
# COMPACT_ATOMS: atom_id res chain seq x y z
N THR A 24 -15.71 -4.53 15.53
CA THR A 24 -16.07 -3.71 14.36
C THR A 24 -15.02 -3.86 13.25
N ILE A 25 -15.44 -4.49 12.15
CA ILE A 25 -14.62 -4.65 10.91
C ILE A 25 -15.06 -3.54 9.97
N THR A 26 -14.12 -2.79 9.42
CA THR A 26 -14.44 -1.77 8.41
C THR A 26 -14.21 -2.40 7.03
N VAL A 27 -15.22 -2.29 6.19
CA VAL A 27 -15.14 -2.74 4.77
C VAL A 27 -15.15 -1.49 3.89
N ASN A 28 -14.15 -1.37 3.03
CA ASN A 28 -13.93 -0.16 2.19
C ASN A 28 -13.93 -0.50 0.70
N PRO A 29 -15.12 -0.53 0.03
CA PRO A 29 -15.21 -0.86 -1.39
C PRO A 29 -14.50 0.15 -2.32
N SER A 30 -14.07 1.31 -1.83
CA SER A 30 -13.33 2.28 -2.68
C SER A 30 -11.85 1.91 -2.72
N THR A 31 -11.42 0.93 -1.94
CA THR A 31 -10.03 0.42 -2.01
C THR A 31 -10.04 -1.03 -2.51
N THR A 32 -9.53 -1.27 -3.70
CA THR A 32 -9.60 -2.61 -4.35
C THR A 32 -8.21 -3.12 -4.70
N TYR A 33 -8.09 -4.43 -4.77
CA TYR A 33 -6.82 -5.13 -5.02
C TYR A 33 -6.97 -6.01 -6.26
N GLN A 34 -6.69 -7.30 -6.13
CA GLN A 34 -6.62 -8.19 -7.31
C GLN A 34 -8.02 -8.51 -7.81
N THR A 35 -8.10 -8.84 -9.08
CA THR A 35 -9.30 -9.46 -9.68
C THR A 35 -9.36 -10.95 -9.36
N ILE A 36 -10.53 -11.50 -9.04
CA ILE A 36 -10.72 -12.95 -8.79
C ILE A 36 -11.12 -13.61 -10.10
N ASP A 37 -10.38 -14.61 -10.52
CA ASP A 37 -10.72 -15.46 -11.69
C ASP A 37 -11.55 -16.67 -11.26
N GLY A 38 -11.33 -17.20 -10.05
CA GLY A 38 -12.17 -18.29 -9.53
C GLY A 38 -11.37 -19.34 -8.78
N PHE A 39 -12.00 -20.48 -8.64
CA PHE A 39 -11.54 -21.61 -7.82
C PHE A 39 -11.78 -22.87 -8.62
N GLY A 40 -10.92 -23.88 -8.44
CA GLY A 40 -11.17 -25.11 -9.18
C GLY A 40 -10.27 -26.26 -8.83
N PHE A 41 -10.03 -27.08 -9.83
CA PHE A 41 -9.53 -28.45 -9.64
C PHE A 41 -9.17 -29.04 -11.01
N SER A 42 -8.64 -30.27 -10.99
CA SER A 42 -8.24 -31.05 -12.17
C SER A 42 -8.93 -32.41 -12.16
N GLU A 43 -9.01 -32.99 -13.33
CA GLU A 43 -9.40 -34.43 -13.53
C GLU A 43 -8.34 -35.15 -14.39
N ALA A 44 -7.08 -34.81 -14.19
CA ALA A 44 -5.88 -35.34 -14.88
C ALA A 44 -5.69 -36.84 -14.63
N PHE A 45 -4.86 -37.45 -15.47
CA PHE A 45 -4.32 -38.83 -15.32
C PHE A 45 -5.43 -39.87 -15.34
N GLY A 46 -6.56 -39.54 -15.96
CA GLY A 46 -7.74 -40.44 -16.00
C GLY A 46 -8.45 -40.59 -14.67
N PHE A 47 -8.14 -39.80 -13.64
CA PHE A 47 -8.76 -39.97 -12.30
C PHE A 47 -10.28 -39.71 -12.36
N GLY A 48 -10.75 -38.89 -13.27
CA GLY A 48 -12.18 -38.57 -13.45
C GLY A 48 -12.89 -39.42 -14.49
N ALA A 49 -12.23 -40.41 -15.11
CA ALA A 49 -12.81 -41.14 -16.27
C ALA A 49 -13.89 -42.10 -15.78
N PRO A 50 -13.72 -42.84 -14.65
CA PRO A 50 -14.82 -43.68 -14.17
C PRO A 50 -16.13 -42.91 -13.89
N ILE A 51 -16.01 -41.67 -13.44
CA ILE A 51 -17.19 -40.78 -13.26
C ILE A 51 -17.77 -40.43 -14.64
N ALA A 52 -16.92 -40.07 -15.59
CA ALA A 52 -17.35 -39.73 -16.94
C ALA A 52 -18.13 -40.91 -17.55
N SER A 53 -17.89 -42.15 -17.11
CA SER A 53 -18.53 -43.38 -17.68
C SER A 53 -19.66 -43.91 -16.79
N ALA A 54 -19.95 -43.26 -15.66
CA ALA A 54 -20.91 -43.78 -14.66
C ALA A 54 -22.35 -43.45 -15.12
N SER A 55 -23.32 -43.87 -14.32
CA SER A 55 -24.77 -43.60 -14.55
C SER A 55 -25.03 -42.11 -14.54
N ALA A 56 -26.10 -41.69 -15.21
CA ALA A 56 -26.57 -40.29 -15.16
C ALA A 56 -26.74 -39.84 -13.71
N SER A 57 -27.27 -40.69 -12.82
CA SER A 57 -27.49 -40.29 -11.41
C SER A 57 -26.16 -39.96 -10.71
N ILE A 58 -25.15 -40.82 -10.87
CA ILE A 58 -23.82 -40.56 -10.25
C ILE A 58 -23.21 -39.30 -10.86
N GLN A 59 -23.26 -39.18 -12.19
CA GLN A 59 -22.70 -38.01 -12.91
C GLN A 59 -23.33 -36.75 -12.32
N THR A 60 -24.65 -36.73 -12.16
CA THR A 60 -25.38 -35.52 -11.66
C THR A 60 -24.93 -35.24 -10.22
N GLN A 61 -24.82 -36.25 -9.37
CA GLN A 61 -24.43 -36.03 -7.97
C GLN A 61 -23.03 -35.39 -7.97
N VAL A 62 -22.13 -35.93 -8.78
CA VAL A 62 -20.70 -35.50 -8.72
C VAL A 62 -20.60 -34.09 -9.27
N THR A 63 -21.19 -33.85 -10.44
CA THR A 63 -21.01 -32.52 -11.09
C THR A 63 -21.75 -31.46 -10.31
N ASN A 64 -22.89 -31.75 -9.66
CA ASN A 64 -23.55 -30.73 -8.81
C ASN A 64 -22.68 -30.43 -7.59
N TYR A 65 -22.05 -31.43 -6.98
CA TYR A 65 -21.16 -31.15 -5.83
C TYR A 65 -20.05 -30.17 -6.22
N LEU A 66 -19.50 -30.32 -7.43
CA LEU A 66 -18.35 -29.49 -7.85
C LEU A 66 -18.84 -28.13 -8.34
N PHE A 67 -19.88 -28.08 -9.17
CA PHE A 67 -20.23 -26.86 -9.94
C PHE A 67 -21.46 -26.12 -9.41
N SER A 68 -22.38 -26.76 -8.68
CA SER A 68 -23.64 -26.06 -8.30
C SER A 68 -23.33 -24.90 -7.33
N THR A 69 -23.89 -23.72 -7.60
CA THR A 69 -23.80 -22.54 -6.70
C THR A 69 -24.83 -22.63 -5.56
N THR A 70 -25.73 -23.63 -5.56
CA THR A 70 -26.77 -23.78 -4.50
C THR A 70 -26.54 -25.05 -3.67
N THR A 71 -26.09 -26.16 -4.25
CA THR A 71 -25.91 -27.42 -3.48
C THR A 71 -24.46 -27.91 -3.48
N GLY A 72 -23.56 -27.25 -4.21
CA GLY A 72 -22.17 -27.71 -4.38
C GLY A 72 -21.21 -26.63 -4.00
N ALA A 73 -20.02 -26.63 -4.63
CA ALA A 73 -18.94 -25.68 -4.35
C ALA A 73 -18.88 -24.54 -5.36
N GLY A 74 -19.73 -24.54 -6.39
CA GLY A 74 -19.74 -23.46 -7.38
C GLY A 74 -18.38 -23.25 -8.00
N LEU A 75 -17.63 -24.33 -8.29
CA LEU A 75 -16.27 -24.13 -8.81
C LEU A 75 -16.28 -23.63 -10.25
N THR A 76 -15.25 -22.83 -10.59
CA THR A 76 -15.25 -21.98 -11.80
C THR A 76 -14.01 -22.15 -12.69
N ILE A 77 -13.08 -23.06 -12.35
CA ILE A 77 -11.84 -23.28 -13.14
C ILE A 77 -11.53 -24.77 -13.24
N LEU A 78 -11.31 -25.27 -14.45
CA LEU A 78 -10.90 -26.66 -14.67
C LEU A 78 -9.48 -26.64 -15.25
N ARG A 79 -8.60 -27.43 -14.63
CA ARG A 79 -7.23 -27.67 -15.10
C ARG A 79 -7.10 -29.10 -15.63
N ASN A 80 -6.76 -29.20 -16.89
CA ASN A 80 -6.57 -30.48 -17.60
C ASN A 80 -5.09 -30.71 -17.81
N ARG A 81 -4.69 -31.99 -17.89
CA ARG A 81 -3.31 -32.37 -18.27
C ARG A 81 -3.19 -32.70 -19.75
N ILE A 82 -2.12 -32.21 -20.36
CA ILE A 82 -1.75 -32.62 -21.73
C ILE A 82 -0.80 -33.79 -21.56
N ALA A 83 -1.25 -35.00 -21.85
CA ALA A 83 -0.41 -36.20 -21.63
C ALA A 83 0.80 -36.20 -22.58
N ALA A 84 1.95 -36.76 -22.14
CA ALA A 84 3.23 -36.66 -22.88
C ALA A 84 3.56 -37.90 -23.73
N GLY A 85 3.14 -39.07 -23.30
CA GLY A 85 3.49 -40.33 -24.00
C GLY A 85 2.26 -41.17 -24.22
N SER A 86 1.97 -42.08 -23.30
CA SER A 86 0.68 -42.77 -23.29
C SER A 86 -0.45 -41.73 -23.17
N GLY A 87 -1.43 -41.80 -24.06
CA GLY A 87 -2.54 -40.84 -24.09
C GLY A 87 -2.19 -39.52 -24.74
N SER A 88 -0.97 -39.36 -25.27
N SER A 88 -0.98 -39.33 -25.26
CA SER A 88 -0.50 -38.17 -26.02
CA SER A 88 -0.58 -38.08 -25.94
C SER A 88 -1.15 -38.14 -27.39
C SER A 88 -1.05 -38.12 -27.39
N ILE A 89 -1.26 -36.93 -27.95
CA ILE A 89 -1.60 -36.80 -29.39
C ILE A 89 -0.40 -37.09 -30.30
N GLU A 90 0.82 -37.30 -29.80
CA GLU A 90 1.99 -37.62 -30.63
C GLU A 90 2.82 -38.68 -29.92
N PRO A 91 2.28 -39.90 -29.83
CA PRO A 91 2.90 -40.94 -28.99
C PRO A 91 4.16 -41.55 -29.59
N ASN A 92 4.42 -41.34 -30.89
CA ASN A 92 5.56 -41.93 -31.64
C ASN A 92 6.38 -40.83 -32.30
N ALA A 93 7.70 -40.86 -32.14
CA ALA A 93 8.59 -39.79 -32.67
C ALA A 93 8.45 -39.73 -34.17
N PRO A 94 8.53 -38.53 -34.75
CA PRO A 94 8.75 -38.39 -36.18
C PRO A 94 10.25 -38.54 -36.45
N SER A 95 10.66 -38.37 -37.71
CA SER A 95 12.06 -38.67 -38.11
C SER A 95 13.03 -37.59 -37.62
N GLY A 96 12.53 -36.42 -37.22
CA GLY A 96 13.37 -35.33 -36.70
C GLY A 96 12.55 -34.12 -36.31
N PRO A 97 13.20 -33.10 -35.73
CA PRO A 97 12.49 -31.97 -35.14
C PRO A 97 11.68 -31.11 -36.10
N ASN A 98 11.90 -31.16 -37.40
CA ASN A 98 11.12 -30.33 -38.35
C ASN A 98 10.42 -31.28 -39.35
N ALA A 99 10.39 -32.58 -39.08
CA ALA A 99 9.71 -33.59 -39.95
C ALA A 99 8.22 -33.59 -39.63
N GLN A 100 7.43 -34.10 -40.57
CA GLN A 100 5.96 -34.08 -40.37
C GLN A 100 5.59 -35.02 -39.23
N PRO A 101 4.85 -34.51 -38.23
CA PRO A 101 4.38 -35.33 -37.12
C PRO A 101 3.20 -36.22 -37.53
N THR A 102 3.02 -37.32 -36.83
CA THR A 102 1.81 -38.16 -36.92
C THR A 102 1.00 -37.90 -35.64
N TYR A 103 -0.10 -37.17 -35.74
CA TYR A 103 -0.96 -36.90 -34.58
C TYR A 103 -2.08 -37.94 -34.51
N THR A 104 -2.50 -38.24 -33.27
N THR A 104 -2.55 -38.20 -33.30
CA THR A 104 -3.65 -39.09 -32.89
CA THR A 104 -3.76 -39.02 -33.08
C THR A 104 -4.67 -38.22 -32.12
C THR A 104 -4.67 -38.24 -32.14
N TRP A 105 -5.95 -38.57 -32.18
CA TRP A 105 -6.98 -37.90 -31.35
C TRP A 105 -8.16 -38.84 -31.17
N ASP A 106 -8.52 -39.17 -29.94
CA ASP A 106 -9.64 -40.12 -29.70
C ASP A 106 -10.92 -39.38 -29.27
N GLY A 107 -10.94 -38.05 -29.07
CA GLY A 107 -12.12 -37.28 -28.66
C GLY A 107 -12.53 -37.59 -27.23
N ASN A 108 -11.65 -38.23 -26.46
CA ASN A 108 -11.91 -38.65 -25.07
C ASN A 108 -10.89 -37.97 -24.13
N ASP A 109 -9.59 -38.19 -24.39
CA ASP A 109 -8.48 -37.60 -23.59
C ASP A 109 -8.64 -38.00 -22.11
N ALA A 110 -8.76 -39.30 -21.82
CA ALA A 110 -8.86 -39.86 -20.46
C ALA A 110 -9.93 -39.13 -19.61
N GLY A 111 -11.12 -38.90 -20.20
CA GLY A 111 -12.22 -38.30 -19.47
C GLY A 111 -12.25 -36.79 -19.52
N GLN A 112 -11.22 -36.14 -20.06
CA GLN A 112 -11.11 -34.65 -19.97
C GLN A 112 -12.04 -33.96 -20.97
N VAL A 113 -12.36 -34.58 -22.10
CA VAL A 113 -13.35 -33.96 -23.01
C VAL A 113 -14.71 -33.94 -22.31
N TRP A 114 -15.11 -35.06 -21.71
CA TRP A 114 -16.40 -35.13 -21.00
C TRP A 114 -16.41 -34.09 -19.86
N TRP A 115 -15.33 -34.05 -19.13
CA TRP A 115 -15.22 -33.15 -17.97
C TRP A 115 -15.27 -31.70 -18.45
N SER A 116 -14.61 -31.38 -19.55
CA SER A 116 -14.61 -30.01 -20.10
C SER A 116 -16.02 -29.60 -20.53
N LYS A 117 -16.76 -30.48 -21.18
CA LYS A 117 -18.13 -30.17 -21.63
C LYS A 117 -19.05 -29.99 -20.40
N GLN A 118 -18.93 -30.84 -19.38
CA GLN A 118 -19.71 -30.70 -18.15
C GLN A 118 -19.38 -29.35 -17.49
N ALA A 119 -18.11 -28.99 -17.45
CA ALA A 119 -17.64 -27.76 -16.78
C ALA A 119 -18.28 -26.56 -17.48
N ARG A 120 -18.22 -26.53 -18.81
CA ARG A 120 -18.77 -25.38 -19.60
C ARG A 120 -20.29 -25.29 -19.43
N ALA A 121 -20.95 -26.42 -19.33
CA ALA A 121 -22.44 -26.49 -19.19
C ALA A 121 -22.86 -26.01 -17.81
N LYS A 122 -22.00 -26.15 -16.80
CA LYS A 122 -22.37 -25.88 -15.39
C LYS A 122 -21.59 -24.73 -14.71
N GLY A 123 -20.98 -23.81 -15.45
CA GLY A 123 -20.60 -22.49 -14.90
C GLY A 123 -19.09 -22.25 -14.88
N VAL A 124 -18.29 -23.19 -15.36
CA VAL A 124 -16.83 -22.95 -15.37
C VAL A 124 -16.49 -21.82 -16.33
N LYS A 125 -15.70 -20.88 -15.85
CA LYS A 125 -15.28 -19.67 -16.61
C LYS A 125 -14.00 -19.97 -17.38
N TYR A 126 -13.02 -20.68 -16.79
CA TYR A 126 -11.68 -20.87 -17.42
C TYR A 126 -11.31 -22.36 -17.44
N ILE A 127 -10.84 -22.79 -18.59
CA ILE A 127 -10.15 -24.08 -18.76
C ILE A 127 -8.66 -23.78 -19.00
N TYR A 128 -7.81 -24.46 -18.24
CA TYR A 128 -6.36 -24.34 -18.35
C TYR A 128 -5.86 -25.73 -18.70
N ALA A 129 -5.17 -25.88 -19.82
CA ALA A 129 -4.54 -27.16 -20.19
C ALA A 129 -3.04 -27.04 -19.96
N ASP A 130 -2.47 -28.01 -19.28
CA ASP A 130 -1.09 -27.89 -18.77
C ASP A 130 -0.37 -29.20 -19.05
N ALA A 131 0.73 -29.11 -19.75
CA ALA A 131 1.60 -30.28 -20.02
C ALA A 131 2.50 -30.55 -18.80
N TRP A 132 2.60 -31.81 -18.38
CA TRP A 132 3.59 -32.20 -17.38
C TRP A 132 4.95 -32.41 -18.04
N SER A 133 5.01 -32.73 -19.34
CA SER A 133 6.27 -32.94 -20.06
C SER A 133 5.98 -32.76 -21.54
N ALA A 134 6.98 -32.41 -22.31
CA ALA A 134 6.96 -32.64 -23.76
C ALA A 134 7.08 -34.14 -24.00
N PRO A 135 6.74 -34.63 -25.21
CA PRO A 135 7.08 -36.01 -25.53
C PRO A 135 8.57 -36.31 -25.33
N ALA A 136 8.89 -37.56 -25.09
CA ALA A 136 10.24 -38.04 -24.74
C ALA A 136 11.25 -37.60 -25.80
N PHE A 137 10.88 -37.72 -27.08
CA PHE A 137 11.80 -37.45 -28.22
C PHE A 137 12.11 -35.95 -28.33
N MET A 138 11.47 -35.07 -27.55
CA MET A 138 11.75 -33.63 -27.57
C MET A 138 12.66 -33.21 -26.42
N LYS A 139 13.19 -34.18 -25.64
CA LYS A 139 13.87 -33.86 -24.37
C LYS A 139 15.30 -34.41 -24.31
N THR A 140 16.08 -33.81 -23.45
CA THR A 140 17.51 -34.12 -23.27
C THR A 140 17.67 -35.56 -22.80
N ASN A 141 16.74 -36.07 -21.99
CA ASN A 141 16.83 -37.41 -21.38
C ASN A 141 16.05 -38.46 -22.21
N ASP A 142 15.42 -38.07 -23.32
CA ASP A 142 14.69 -38.99 -24.22
C ASP A 142 13.73 -39.85 -23.38
N ASN A 143 13.07 -39.27 -22.40
CA ASN A 143 12.06 -39.98 -21.55
C ASN A 143 11.02 -38.99 -21.03
N VAL A 144 9.76 -39.40 -20.90
CA VAL A 144 8.70 -38.51 -20.40
C VAL A 144 8.87 -38.29 -18.90
N ALA A 145 9.58 -39.17 -18.19
CA ALA A 145 9.66 -39.11 -16.71
C ALA A 145 11.07 -38.75 -16.19
N ASN A 146 11.21 -38.53 -14.88
CA ASN A 146 12.52 -38.28 -14.21
C ASN A 146 13.21 -37.06 -14.82
N GLY A 147 12.45 -35.99 -15.09
CA GLY A 147 12.98 -34.68 -15.48
C GLY A 147 13.36 -34.63 -16.94
N GLY A 148 14.52 -34.05 -17.25
CA GLY A 148 14.93 -33.77 -18.63
C GLY A 148 14.46 -32.40 -19.03
N TYR A 149 15.09 -31.83 -20.08
CA TYR A 149 14.81 -30.44 -20.49
C TYR A 149 14.32 -30.47 -21.93
N LEU A 150 13.53 -29.48 -22.32
CA LEU A 150 13.15 -29.32 -23.74
C LEU A 150 14.39 -29.01 -24.59
N CYS A 151 14.66 -29.86 -25.58
CA CYS A 151 15.81 -29.74 -26.51
C CYS A 151 15.76 -28.37 -27.19
N GLY A 152 16.86 -27.62 -27.13
CA GLY A 152 16.91 -26.32 -27.84
C GLY A 152 16.71 -25.11 -26.94
N THR A 153 16.24 -25.31 -25.70
CA THR A 153 16.23 -24.24 -24.71
C THR A 153 17.67 -23.92 -24.32
N THR A 154 17.89 -22.76 -23.71
CA THR A 154 19.26 -22.25 -23.46
C THR A 154 20.05 -23.30 -22.70
N GLY A 155 21.18 -23.67 -23.28
CA GLY A 155 22.11 -24.59 -22.60
C GLY A 155 21.61 -26.01 -22.57
N GLU A 156 20.60 -26.36 -23.39
CA GLU A 156 20.06 -27.74 -23.42
C GLU A 156 20.15 -28.20 -24.85
N THR A 157 21.34 -28.55 -25.30
CA THR A 157 21.57 -29.05 -26.69
C THR A 157 21.34 -30.55 -26.74
N CYS A 158 20.62 -31.02 -27.75
CA CYS A 158 20.31 -32.47 -27.97
C CYS A 158 20.97 -32.85 -29.29
N SER A 159 21.49 -34.07 -29.41
CA SER A 159 22.06 -34.55 -30.69
C SER A 159 20.98 -34.50 -31.79
N SER A 160 19.71 -34.77 -31.50
CA SER A 160 18.62 -34.80 -32.50
C SER A 160 18.16 -33.38 -32.89
N GLY A 161 18.61 -32.34 -32.21
CA GLY A 161 18.39 -30.95 -32.65
C GLY A 161 17.44 -30.19 -31.73
N ASP A 162 16.83 -29.14 -32.27
CA ASP A 162 16.10 -28.11 -31.52
C ASP A 162 14.60 -28.37 -31.71
N TRP A 163 13.93 -28.84 -30.64
CA TRP A 163 12.52 -29.28 -30.73
C TRP A 163 11.55 -28.21 -30.23
N ARG A 164 12.00 -26.97 -30.03
CA ARG A 164 11.13 -25.87 -29.55
C ARG A 164 9.95 -25.71 -30.50
N GLN A 165 10.20 -25.57 -31.81
CA GLN A 165 9.08 -25.31 -32.74
C GLN A 165 8.16 -26.55 -32.75
N ALA A 166 8.73 -27.76 -32.73
CA ALA A 166 7.94 -29.01 -32.70
C ALA A 166 7.03 -29.04 -31.47
N TYR A 167 7.52 -28.58 -30.31
CA TYR A 167 6.73 -28.64 -29.07
C TYR A 167 5.61 -27.59 -29.11
N ALA A 168 5.90 -26.39 -29.61
CA ALA A 168 4.86 -25.36 -29.79
C ALA A 168 3.80 -25.88 -30.76
N ASN A 169 4.21 -26.57 -31.84
CA ASN A 169 3.25 -27.08 -32.85
C ASN A 169 2.35 -28.14 -32.22
N TYR A 170 2.95 -29.00 -31.39
CA TYR A 170 2.25 -30.06 -30.63
C TYR A 170 1.22 -29.47 -29.67
N LEU A 171 1.57 -28.42 -28.91
CA LEU A 171 0.65 -27.82 -27.93
C LEU A 171 -0.50 -27.14 -28.68
N VAL A 172 -0.21 -26.49 -29.79
CA VAL A 172 -1.25 -25.86 -30.65
C VAL A 172 -2.18 -26.96 -31.22
N GLN A 173 -1.66 -28.10 -31.66
CA GLN A 173 -2.52 -29.18 -32.22
C GLN A 173 -3.47 -29.67 -31.12
N TYR A 174 -2.98 -29.80 -29.90
CA TYR A 174 -3.85 -30.23 -28.77
C TYR A 174 -4.98 -29.22 -28.57
N ILE A 175 -4.66 -27.95 -28.55
CA ILE A 175 -5.65 -26.84 -28.45
C ILE A 175 -6.66 -26.96 -29.60
N LYS A 176 -6.19 -27.14 -30.83
CA LYS A 176 -7.11 -27.29 -32.00
C LYS A 176 -7.98 -28.55 -31.85
N ASP A 177 -7.43 -29.64 -31.32
CA ASP A 177 -8.21 -30.87 -31.05
C ASP A 177 -9.42 -30.55 -30.17
N TYR A 178 -9.20 -29.81 -29.07
CA TYR A 178 -10.28 -29.38 -28.17
C TYR A 178 -11.23 -28.43 -28.94
N ALA A 179 -10.70 -27.54 -29.76
CA ALA A 179 -11.56 -26.57 -30.51
C ALA A 179 -12.48 -27.33 -31.47
N ASN A 180 -11.99 -28.45 -32.00
CA ASN A 180 -12.75 -29.32 -32.94
C ASN A 180 -13.89 -30.01 -32.20
N GLU A 181 -13.77 -30.24 -30.88
CA GLU A 181 -14.86 -30.76 -30.01
C GLU A 181 -15.75 -29.61 -29.48
N GLY A 182 -15.53 -28.37 -29.92
CA GLY A 182 -16.28 -27.16 -29.48
C GLY A 182 -15.79 -26.57 -28.15
N ILE A 183 -14.63 -26.99 -27.66
CA ILE A 183 -14.12 -26.52 -26.31
C ILE A 183 -12.98 -25.56 -26.59
N THR A 184 -13.09 -24.34 -26.07
CA THR A 184 -12.05 -23.29 -26.18
C THR A 184 -11.20 -23.41 -24.92
N ILE A 185 -9.92 -23.73 -25.09
CA ILE A 185 -8.99 -23.67 -23.94
C ILE A 185 -8.59 -22.20 -23.73
N ASP A 186 -8.70 -21.71 -22.48
CA ASP A 186 -8.40 -20.28 -22.17
C ASP A 186 -6.88 -20.08 -22.01
N PHE A 187 -6.22 -21.03 -21.35
CA PHE A 187 -4.80 -20.90 -21.02
C PHE A 187 -4.10 -22.24 -21.29
N VAL A 188 -2.85 -22.13 -21.71
CA VAL A 188 -1.97 -23.30 -21.95
C VAL A 188 -0.70 -23.11 -21.16
N GLY A 189 -0.27 -24.19 -20.51
CA GLY A 189 1.00 -24.26 -19.81
C GLY A 189 1.82 -25.39 -20.43
N TRP A 190 3.13 -25.21 -20.51
CA TRP A 190 4.06 -26.15 -21.19
C TRP A 190 4.94 -26.87 -20.17
N LEU A 191 4.73 -26.59 -18.89
CA LEU A 191 5.51 -27.16 -17.78
C LEU A 191 4.59 -27.48 -16.59
N ASN A 192 5.03 -28.44 -15.79
CA ASN A 192 4.44 -28.72 -14.47
C ASN A 192 5.59 -28.95 -13.50
N GLU A 193 5.57 -28.27 -12.37
CA GLU A 193 6.63 -28.41 -11.34
C GLU A 193 8.02 -28.64 -11.93
N PRO A 194 8.52 -27.71 -12.78
CA PRO A 194 9.80 -27.90 -13.46
C PRO A 194 11.02 -27.70 -12.57
N ASP A 195 10.76 -27.54 -11.27
CA ASP A 195 11.78 -27.59 -10.20
C ASP A 195 11.80 -29.00 -9.56
N TYR A 196 11.08 -29.96 -10.13
CA TYR A 196 10.85 -31.28 -9.48
C TYR A 196 10.96 -32.36 -10.54
N SER A 197 11.62 -33.48 -10.24
CA SER A 197 11.93 -34.55 -11.24
C SER A 197 11.49 -35.91 -10.72
N PRO A 198 10.16 -36.10 -10.51
CA PRO A 198 9.67 -37.37 -10.00
C PRO A 198 9.68 -38.47 -11.10
N ASN A 199 9.40 -39.71 -10.67
CA ASN A 199 9.31 -40.91 -11.55
C ASN A 199 7.94 -40.95 -12.25
N TYR A 200 7.55 -39.86 -12.87
CA TYR A 200 6.38 -39.82 -13.78
C TYR A 200 6.57 -38.57 -14.62
N ASP A 201 5.64 -38.33 -15.52
CA ASP A 201 5.73 -37.21 -16.48
C ASP A 201 6.26 -35.93 -15.80
N SER A 202 7.38 -35.39 -16.30
CA SER A 202 8.05 -34.23 -15.70
C SER A 202 8.99 -33.62 -16.72
N MET A 203 9.32 -32.37 -16.49
CA MET A 203 10.23 -31.64 -17.42
C MET A 203 10.68 -30.39 -16.69
N LEU A 204 11.97 -30.09 -16.82
CA LEU A 204 12.63 -29.10 -15.96
C LEU A 204 12.93 -27.78 -16.68
N ILE A 205 13.20 -26.78 -15.85
CA ILE A 205 13.89 -25.52 -16.23
C ILE A 205 14.93 -25.21 -15.15
N THR A 206 16.03 -24.56 -15.52
CA THR A 206 17.06 -24.11 -14.54
C THR A 206 16.67 -22.74 -13.99
N SER A 207 15.87 -22.00 -14.72
CA SER A 207 15.45 -20.64 -14.34
C SER A 207 14.29 -20.15 -15.22
N GLY A 208 13.74 -19.01 -14.86
CA GLY A 208 12.81 -18.25 -15.70
C GLY A 208 13.52 -17.72 -16.92
N THR A 209 14.79 -17.39 -16.79
CA THR A 209 15.60 -16.99 -17.95
C THR A 209 15.62 -18.09 -19.00
N GLN A 210 15.83 -19.35 -18.60
CA GLN A 210 15.76 -20.47 -19.55
C GLN A 210 14.33 -20.64 -20.10
N ALA A 211 13.32 -20.53 -19.26
CA ALA A 211 11.92 -20.62 -19.73
C ALA A 211 11.69 -19.60 -20.86
N ALA A 212 12.34 -18.43 -20.76
CA ALA A 212 12.13 -17.32 -21.70
C ALA A 212 12.68 -17.68 -23.08
N SER A 213 13.48 -18.74 -23.19
CA SER A 213 14.00 -19.19 -24.50
C SER A 213 12.93 -19.96 -25.28
N PHE A 214 11.80 -20.33 -24.66
CA PHE A 214 10.73 -21.07 -25.37
C PHE A 214 9.46 -20.22 -25.51
N ILE A 215 9.13 -19.38 -24.52
CA ILE A 215 7.84 -18.67 -24.48
C ILE A 215 7.55 -17.89 -25.77
N PRO A 216 8.48 -17.09 -26.31
CA PRO A 216 8.21 -16.37 -27.57
C PRO A 216 7.81 -17.33 -28.70
N THR A 217 8.46 -18.49 -28.81
CA THR A 217 8.15 -19.47 -29.87
C THR A 217 6.70 -19.95 -29.68
N LEU A 218 6.30 -20.26 -28.46
CA LEU A 218 4.92 -20.73 -28.23
C LEU A 218 3.93 -19.60 -28.56
N TYR A 219 4.20 -18.39 -28.09
CA TYR A 219 3.32 -17.22 -28.31
C TYR A 219 3.11 -17.02 -29.80
N ASN A 220 4.22 -17.07 -30.57
CA ASN A 220 4.13 -16.83 -32.04
C ASN A 220 3.34 -17.94 -32.72
N THR A 221 3.47 -19.19 -32.24
CA THR A 221 2.83 -20.36 -32.88
C THR A 221 1.33 -20.31 -32.60
N ILE A 222 0.93 -19.93 -31.37
CA ILE A 222 -0.49 -19.75 -31.03
C ILE A 222 -1.08 -18.66 -31.95
N LYS A 223 -0.39 -17.55 -32.06
CA LYS A 223 -0.95 -16.40 -32.83
C LYS A 223 -1.08 -16.80 -34.30
N SER A 224 -0.07 -17.49 -34.81
CA SER A 224 0.00 -17.95 -36.22
C SER A 224 -1.14 -18.92 -36.56
N ALA A 225 -1.61 -19.70 -35.60
CA ALA A 225 -2.70 -20.67 -35.81
C ALA A 225 -4.05 -19.96 -35.72
N GLY A 226 -4.05 -18.64 -35.52
CA GLY A 226 -5.26 -17.81 -35.39
C GLY A 226 -5.90 -17.98 -34.02
N LEU A 227 -5.17 -18.50 -33.03
CA LEU A 227 -5.74 -18.67 -31.66
C LEU A 227 -5.37 -17.47 -30.78
N SER A 228 -6.08 -17.30 -29.67
N SER A 228 -6.06 -17.34 -29.65
CA SER A 228 -5.80 -16.26 -28.66
CA SER A 228 -5.83 -16.26 -28.66
C SER A 228 -5.74 -16.93 -27.28
C SER A 228 -5.49 -16.87 -27.31
N THR A 229 -5.29 -18.19 -27.27
CA THR A 229 -4.97 -18.90 -26.02
C THR A 229 -3.90 -18.12 -25.29
N GLY A 230 -4.05 -17.92 -24.00
CA GLY A 230 -3.07 -17.25 -23.14
C GLY A 230 -2.09 -18.26 -22.56
N ILE A 231 -0.84 -17.86 -22.39
CA ILE A 231 0.22 -18.75 -21.85
C ILE A 231 0.29 -18.52 -20.36
N ALA A 232 0.36 -19.60 -19.60
CA ALA A 232 0.53 -19.59 -18.14
C ALA A 232 1.91 -20.20 -17.87
N CYS A 233 2.62 -19.76 -16.85
N CYS A 233 2.56 -19.76 -16.79
CA CYS A 233 3.95 -20.33 -16.50
CA CYS A 233 3.95 -20.17 -16.45
C CYS A 233 4.18 -19.97 -15.04
C CYS A 233 4.16 -19.94 -14.96
N CYS A 234 4.86 -20.84 -14.26
CA CYS A 234 5.45 -22.09 -14.73
C CYS A 234 5.13 -23.26 -13.81
N ASP A 235 4.11 -23.13 -12.95
CA ASP A 235 3.58 -24.23 -12.09
C ASP A 235 4.70 -24.83 -11.22
N PRO A 236 5.59 -24.02 -10.58
CA PRO A 236 6.55 -24.58 -9.63
C PRO A 236 5.88 -25.36 -8.48
N PHE A 237 6.65 -26.32 -7.95
N PHE A 237 6.60 -26.32 -7.90
CA PHE A 237 6.33 -27.20 -6.80
CA PHE A 237 6.05 -27.15 -6.82
C PHE A 237 6.01 -26.30 -5.60
C PHE A 237 6.01 -26.30 -5.54
N GLY A 238 6.58 -25.10 -5.55
CA GLY A 238 6.48 -24.13 -4.43
C GLY A 238 6.55 -22.68 -4.83
N TRP A 239 5.98 -21.85 -3.96
CA TRP A 239 5.87 -20.39 -4.18
C TRP A 239 7.21 -19.71 -4.31
N SER A 240 8.24 -20.16 -3.58
N SER A 240 8.23 -20.16 -3.58
N SER A 240 8.22 -20.17 -3.56
CA SER A 240 9.56 -19.50 -3.61
CA SER A 240 9.55 -19.47 -3.59
CA SER A 240 9.57 -19.55 -3.57
C SER A 240 10.09 -19.43 -5.04
C SER A 240 10.14 -19.47 -5.01
C SER A 240 10.07 -19.44 -5.01
N ASP A 241 9.92 -20.51 -5.80
CA ASP A 241 10.42 -20.54 -7.19
C ASP A 241 9.53 -19.66 -8.06
N ALA A 242 8.22 -19.58 -7.80
CA ALA A 242 7.34 -18.67 -8.56
C ALA A 242 7.88 -17.23 -8.41
N VAL A 243 8.27 -16.87 -7.19
CA VAL A 243 8.87 -15.52 -6.94
C VAL A 243 10.15 -15.33 -7.78
N THR A 244 11.09 -16.27 -7.70
CA THR A 244 12.40 -16.17 -8.38
C THR A 244 12.16 -16.11 -9.89
N TRP A 245 11.37 -17.03 -10.41
CA TRP A 245 11.21 -17.19 -11.88
C TRP A 245 10.47 -15.98 -12.49
N THR A 246 9.51 -15.43 -11.77
CA THR A 246 8.71 -14.28 -12.29
C THR A 246 9.67 -13.10 -12.52
N ALA A 247 10.54 -12.83 -11.54
CA ALA A 247 11.53 -11.72 -11.68
C ALA A 247 12.46 -11.98 -12.87
N GLN A 248 12.89 -13.23 -13.06
CA GLN A 248 13.76 -13.62 -14.19
C GLN A 248 12.99 -13.47 -15.49
N LEU A 249 11.74 -13.90 -15.57
CA LEU A 249 10.92 -13.80 -16.81
C LEU A 249 10.77 -12.32 -17.17
N ALA A 250 10.55 -11.46 -16.17
CA ALA A 250 10.39 -10.00 -16.36
C ALA A 250 11.69 -9.42 -16.91
N SER A 251 12.85 -9.78 -16.35
CA SER A 251 14.16 -9.24 -16.85
C SER A 251 14.44 -9.72 -18.27
N ALA A 252 14.01 -10.93 -18.64
CA ALA A 252 14.26 -11.52 -19.98
C ALA A 252 13.26 -10.98 -20.99
N GLY A 253 12.28 -10.19 -20.56
CA GLY A 253 11.25 -9.62 -21.44
C GLY A 253 10.25 -10.68 -21.86
N ALA A 254 10.02 -11.72 -21.05
CA ALA A 254 9.10 -12.81 -21.43
C ALA A 254 7.68 -12.58 -20.88
N THR A 255 7.50 -11.74 -19.84
CA THR A 255 6.17 -11.59 -19.17
C THR A 255 5.19 -10.91 -20.13
N GLN A 256 5.65 -10.18 -21.14
CA GLN A 256 4.76 -9.53 -22.12
C GLN A 256 4.02 -10.58 -22.96
N TYR A 257 4.49 -11.82 -22.98
CA TYR A 257 3.88 -12.90 -23.78
C TYR A 257 3.02 -13.80 -22.91
N LEU A 258 3.00 -13.53 -21.60
CA LEU A 258 2.24 -14.39 -20.65
C LEU A 258 0.89 -13.77 -20.29
N ALA A 259 -0.06 -14.65 -19.94
CA ALA A 259 -1.40 -14.26 -19.52
C ALA A 259 -1.56 -14.47 -18.00
N ARG A 260 -0.92 -15.50 -17.45
CA ARG A 260 -1.04 -15.80 -16.00
C ARG A 260 0.31 -16.29 -15.51
N ILE A 261 0.59 -15.98 -14.25
CA ILE A 261 1.73 -16.55 -13.49
C ILE A 261 1.10 -17.60 -12.59
N THR A 262 1.70 -18.79 -12.52
CA THR A 262 1.11 -19.90 -11.75
C THR A 262 2.12 -20.47 -10.75
N SER A 263 1.59 -21.09 -9.71
CA SER A 263 2.42 -21.72 -8.66
C SER A 263 1.61 -22.83 -8.02
N HIS A 264 2.29 -23.86 -7.55
CA HIS A 264 1.74 -24.81 -6.56
C HIS A 264 2.25 -24.41 -5.18
N TRP A 265 1.72 -25.05 -4.13
CA TRP A 265 2.08 -24.67 -2.75
C TRP A 265 2.66 -25.86 -1.98
N TYR A 266 3.06 -26.93 -2.65
CA TYR A 266 3.58 -28.14 -1.95
C TYR A 266 4.91 -27.84 -1.22
N ALA A 267 5.89 -27.23 -1.86
CA ALA A 267 7.24 -27.05 -1.27
C ALA A 267 7.28 -25.78 -0.39
N SER A 268 6.44 -24.77 -0.67
CA SER A 268 6.41 -23.47 0.07
C SER A 268 5.11 -22.75 -0.31
N LYS A 269 4.55 -21.98 0.62
CA LYS A 269 3.28 -21.27 0.43
C LYS A 269 3.58 -19.78 0.24
N GLY A 270 2.59 -19.04 -0.24
CA GLY A 270 2.70 -17.58 -0.35
C GLY A 270 2.14 -16.93 0.90
N THR A 271 2.87 -15.99 1.51
CA THR A 271 2.26 -15.07 2.50
C THR A 271 2.45 -13.62 2.09
N SER A 272 2.96 -13.40 0.88
N SER A 272 2.95 -13.40 0.87
CA SER A 272 3.15 -12.07 0.26
CA SER A 272 3.12 -12.05 0.27
C SER A 272 2.87 -12.23 -1.21
C SER A 272 2.88 -12.22 -1.22
N PRO A 273 2.37 -11.17 -1.91
CA PRO A 273 2.11 -11.28 -3.33
C PRO A 273 3.40 -11.33 -4.17
N ILE A 274 3.27 -11.86 -5.38
CA ILE A 274 4.37 -11.78 -6.37
C ILE A 274 4.34 -10.37 -6.95
N ASN A 275 5.52 -9.80 -7.16
CA ASN A 275 5.70 -8.48 -7.83
C ASN A 275 5.47 -8.67 -9.32
N THR A 276 4.23 -8.54 -9.79
CA THR A 276 3.87 -8.66 -11.22
C THR A 276 2.55 -7.94 -11.42
N SER A 277 2.27 -7.47 -12.62
CA SER A 277 0.93 -6.95 -12.99
C SER A 277 0.07 -8.09 -13.51
N LEU A 278 0.62 -9.27 -13.75
CA LEU A 278 -0.20 -10.41 -14.22
C LEU A 278 -1.00 -10.97 -13.04
N ARG A 279 -2.16 -11.52 -13.36
CA ARG A 279 -2.96 -12.26 -12.36
C ARG A 279 -2.18 -13.56 -12.04
N VAL A 280 -2.18 -13.90 -10.76
CA VAL A 280 -1.42 -15.06 -10.22
C VAL A 280 -2.40 -16.13 -9.77
N TRP A 281 -2.17 -17.37 -10.21
CA TRP A 281 -3.01 -18.54 -9.88
C TRP A 281 -2.22 -19.50 -9.02
N GLU A 282 -2.79 -19.95 -7.90
CA GLU A 282 -2.32 -21.17 -7.23
C GLU A 282 -3.01 -22.35 -7.90
N THR A 283 -2.29 -23.12 -8.72
CA THR A 283 -2.92 -24.03 -9.71
C THR A 283 -2.95 -25.49 -9.22
N GLU A 284 -2.32 -25.81 -8.09
CA GLU A 284 -2.44 -27.16 -7.52
C GLU A 284 -1.93 -27.18 -6.08
N TYR A 285 -2.76 -27.58 -5.16
CA TYR A 285 -2.32 -27.84 -3.78
C TYR A 285 -3.34 -28.79 -3.20
N ALA A 286 -2.90 -29.76 -2.40
CA ALA A 286 -3.82 -30.73 -1.76
C ALA A 286 -3.06 -31.46 -0.69
N ASP A 287 -3.83 -32.12 0.19
CA ASP A 287 -3.27 -33.13 1.10
C ASP A 287 -3.21 -34.45 0.35
N LEU A 288 -2.01 -34.90 -0.03
CA LEU A 288 -1.83 -36.09 -0.91
C LEU A 288 -1.71 -37.35 -0.05
N ASP A 289 -1.52 -37.20 1.26
CA ASP A 289 -1.04 -38.32 2.12
C ASP A 289 -2.22 -38.95 2.90
N ASP A 290 -3.17 -38.13 3.34
CA ASP A 290 -4.17 -38.54 4.35
C ASP A 290 -5.42 -39.13 3.69
N ALA A 291 -6.23 -39.81 4.49
CA ALA A 291 -7.52 -40.35 4.06
C ALA A 291 -8.49 -39.18 3.76
N PHE A 292 -9.43 -39.47 2.88
CA PHE A 292 -10.61 -38.62 2.59
C PHE A 292 -11.41 -38.46 3.87
N THR A 293 -11.81 -37.24 4.20
CA THR A 293 -12.60 -36.99 5.44
C THR A 293 -13.71 -35.97 5.18
N THR A 294 -14.85 -36.20 5.82
CA THR A 294 -15.98 -35.26 5.86
C THR A 294 -15.70 -34.25 6.96
N THR A 295 -14.68 -34.46 7.80
CA THR A 295 -14.38 -33.57 8.94
C THR A 295 -14.17 -32.11 8.51
N TRP A 296 -14.90 -31.21 9.15
CA TRP A 296 -14.66 -29.75 9.07
C TRP A 296 -13.57 -29.37 10.07
N TYR A 297 -13.78 -29.61 11.35
CA TYR A 297 -12.76 -29.33 12.36
C TYR A 297 -12.75 -30.43 13.43
N SER A 298 -11.57 -30.92 13.78
CA SER A 298 -11.40 -31.83 14.94
C SER A 298 -10.12 -31.45 15.66
N SER A 299 -8.96 -31.52 15.01
CA SER A 299 -7.66 -31.23 15.67
C SER A 299 -6.79 -30.28 14.84
N GLY A 300 -7.28 -29.70 13.74
CA GLY A 300 -6.41 -28.89 12.88
C GLY A 300 -5.58 -29.74 11.92
N ALA A 301 -5.94 -31.00 11.69
CA ALA A 301 -5.24 -31.91 10.77
C ALA A 301 -5.29 -31.36 9.33
N ALA A 302 -4.38 -31.86 8.51
CA ALA A 302 -4.06 -31.37 7.15
C ALA A 302 -5.22 -31.62 6.17
N ASN A 303 -6.13 -32.56 6.44
CA ASN A 303 -7.23 -32.94 5.53
C ASN A 303 -8.56 -32.31 5.97
N GLU A 304 -8.58 -31.52 7.04
CA GLU A 304 -9.83 -30.94 7.61
C GLU A 304 -10.29 -29.74 6.76
N GLY A 305 -11.61 -29.64 6.51
CA GLY A 305 -12.24 -28.49 5.83
C GLY A 305 -11.73 -27.15 6.35
N LEU A 306 -11.72 -26.95 7.65
CA LEU A 306 -11.33 -25.62 8.23
C LEU A 306 -9.86 -25.33 7.92
N THR A 307 -8.99 -26.36 7.86
CA THR A 307 -7.58 -26.11 7.47
C THR A 307 -7.56 -25.46 6.08
N TRP A 308 -8.40 -25.97 5.18
CA TRP A 308 -8.39 -25.52 3.77
C TRP A 308 -9.07 -24.16 3.64
N ALA A 309 -10.07 -23.86 4.46
CA ALA A 309 -10.65 -22.50 4.47
C ALA A 309 -9.54 -21.49 4.75
N ASN A 310 -8.72 -21.76 5.75
CA ASN A 310 -7.62 -20.84 6.16
C ASN A 310 -6.55 -20.74 5.07
N LEU A 311 -6.25 -21.83 4.36
CA LEU A 311 -5.22 -21.83 3.28
C LEU A 311 -5.74 -20.97 2.11
N ILE A 312 -7.01 -21.11 1.74
CA ILE A 312 -7.61 -20.28 0.63
C ILE A 312 -7.57 -18.83 1.06
N TRP A 313 -7.89 -18.55 2.32
CA TRP A 313 -7.87 -17.18 2.87
C TRP A 313 -6.46 -16.61 2.76
N GLN A 314 -5.46 -17.38 3.16
CA GLN A 314 -4.06 -16.95 3.09
C GLN A 314 -3.73 -16.60 1.63
N GLY A 315 -4.14 -17.46 0.70
CA GLY A 315 -3.76 -17.21 -0.69
C GLY A 315 -4.41 -15.95 -1.21
N VAL A 316 -5.73 -15.82 -1.10
N VAL A 316 -5.72 -15.83 -1.02
CA VAL A 316 -6.45 -14.66 -1.73
CA VAL A 316 -6.51 -14.75 -1.65
C VAL A 316 -6.14 -13.38 -0.93
C VAL A 316 -6.23 -13.42 -0.93
N VAL A 317 -6.09 -13.45 0.39
CA VAL A 317 -5.98 -12.19 1.21
C VAL A 317 -4.51 -11.81 1.43
N GLU A 318 -3.61 -12.74 1.73
CA GLU A 318 -2.20 -12.41 2.01
C GLU A 318 -1.37 -12.46 0.73
N ALA A 319 -1.66 -13.35 -0.23
CA ALA A 319 -0.80 -13.54 -1.43
C ALA A 319 -1.45 -12.96 -2.69
N ASP A 320 -2.58 -12.27 -2.56
CA ASP A 320 -3.31 -11.58 -3.63
C ASP A 320 -3.58 -12.55 -4.80
N LEU A 321 -3.81 -13.85 -4.52
CA LEU A 321 -4.14 -14.77 -5.64
C LEU A 321 -5.43 -14.37 -6.35
N SER A 322 -5.44 -14.54 -7.65
CA SER A 322 -6.64 -14.45 -8.52
C SER A 322 -7.38 -15.79 -8.62
N ALA A 323 -6.70 -16.89 -8.31
CA ALA A 323 -7.34 -18.20 -8.34
C ALA A 323 -6.67 -19.14 -7.33
N PHE A 324 -7.45 -20.04 -6.77
CA PHE A 324 -6.93 -21.12 -5.90
C PHE A 324 -7.52 -22.45 -6.37
N LEU A 325 -6.66 -23.40 -6.75
CA LEU A 325 -7.11 -24.74 -7.21
C LEU A 325 -6.63 -25.80 -6.22
N TYR A 326 -7.49 -26.78 -6.00
CA TYR A 326 -7.12 -28.08 -5.39
C TYR A 326 -6.44 -28.93 -6.47
N TRP A 327 -6.13 -30.16 -6.14
CA TRP A 327 -5.61 -31.16 -7.07
C TRP A 327 -6.79 -31.78 -7.79
N ILE A 328 -7.32 -32.90 -7.32
CA ILE A 328 -8.46 -33.57 -8.03
C ILE A 328 -9.81 -33.14 -7.48
N GLY A 329 -10.77 -32.89 -8.38
CA GLY A 329 -12.15 -32.60 -8.00
C GLY A 329 -12.85 -33.84 -7.52
N ALA A 330 -13.00 -34.82 -8.39
CA ALA A 330 -13.72 -36.07 -8.06
C ALA A 330 -12.95 -37.28 -8.61
N GLN A 331 -12.88 -38.34 -7.83
CA GLN A 331 -12.28 -39.59 -8.32
C GLN A 331 -12.88 -40.74 -7.52
N SER A 332 -12.51 -41.95 -7.94
CA SER A 332 -13.01 -43.19 -7.35
C SER A 332 -12.15 -43.54 -6.15
N ASN A 333 -12.78 -43.94 -5.05
CA ASN A 333 -12.04 -44.41 -3.83
C ASN A 333 -10.96 -43.38 -3.49
N SER A 334 -11.33 -42.10 -3.40
CA SER A 334 -10.39 -40.96 -3.20
C SER A 334 -9.77 -41.01 -1.83
N ASN A 335 -8.52 -40.59 -1.74
CA ASN A 335 -7.95 -40.11 -0.45
C ASN A 335 -8.15 -38.60 -0.42
N ALA A 336 -7.40 -37.88 0.43
CA ALA A 336 -7.64 -36.45 0.63
C ALA A 336 -7.26 -35.64 -0.61
N ALA A 337 -6.63 -36.27 -1.60
CA ALA A 337 -6.14 -35.64 -2.86
C ALA A 337 -7.32 -35.18 -3.70
N GLY A 338 -8.51 -35.66 -3.40
CA GLY A 338 -9.73 -35.32 -4.14
C GLY A 338 -10.76 -34.63 -3.26
N LEU A 339 -11.60 -33.76 -3.82
CA LEU A 339 -12.65 -33.06 -3.04
C LEU A 339 -13.88 -33.95 -2.87
N VAL A 340 -14.18 -34.79 -3.88
CA VAL A 340 -15.40 -35.66 -3.91
C VAL A 340 -14.96 -37.08 -4.25
N THR A 341 -15.59 -38.07 -3.67
CA THR A 341 -15.22 -39.49 -3.90
C THR A 341 -16.43 -40.27 -4.42
N LEU A 342 -16.17 -41.24 -5.26
CA LEU A 342 -17.16 -42.24 -5.70
C LEU A 342 -16.68 -43.61 -5.24
N ASN A 343 -17.43 -44.22 -4.32
CA ASN A 343 -17.09 -45.51 -3.67
C ASN A 343 -18.25 -46.46 -4.04
N GLY A 344 -18.09 -47.20 -5.14
CA GLY A 344 -19.18 -48.00 -5.75
C GLY A 344 -20.18 -47.13 -6.49
N SER A 345 -21.41 -47.01 -5.99
CA SER A 345 -22.40 -46.04 -6.52
C SER A 345 -22.59 -44.87 -5.55
N THR A 346 -21.85 -44.84 -4.45
CA THR A 346 -22.05 -43.84 -3.37
C THR A 346 -21.12 -42.64 -3.58
N VAL A 347 -21.68 -41.43 -3.61
CA VAL A 347 -20.89 -40.18 -3.81
C VAL A 347 -20.83 -39.44 -2.50
N GLN A 348 -19.64 -39.04 -2.08
CA GLN A 348 -19.44 -38.33 -0.79
C GLN A 348 -18.62 -37.06 -1.02
N ALA A 349 -19.00 -35.98 -0.37
CA ALA A 349 -18.26 -34.70 -0.39
C ALA A 349 -17.34 -34.60 0.82
N SER A 350 -16.13 -34.11 0.64
CA SER A 350 -15.20 -33.87 1.78
C SER A 350 -15.53 -32.58 2.51
N GLY A 351 -14.97 -32.37 3.70
CA GLY A 351 -15.07 -31.09 4.37
C GLY A 351 -14.40 -30.00 3.52
N THR A 352 -13.32 -30.35 2.82
CA THR A 352 -12.54 -29.40 1.98
C THR A 352 -13.42 -28.86 0.87
N LEU A 353 -14.30 -29.69 0.33
CA LEU A 353 -15.22 -29.22 -0.73
C LEU A 353 -15.99 -28.02 -0.18
N TRP A 354 -16.47 -28.10 1.07
CA TRP A 354 -17.33 -27.02 1.63
C TRP A 354 -16.49 -25.81 2.00
N ALA A 355 -15.20 -25.95 2.32
CA ALA A 355 -14.28 -24.79 2.45
C ALA A 355 -14.25 -24.05 1.10
N PHE A 356 -14.07 -24.77 -0.01
CA PHE A 356 -14.06 -24.16 -1.36
C PHE A 356 -15.41 -23.50 -1.60
N ALA A 357 -16.50 -24.18 -1.23
CA ALA A 357 -17.85 -23.66 -1.50
C ALA A 357 -18.04 -22.29 -0.86
N MET A 358 -17.58 -22.14 0.38
CA MET A 358 -17.83 -20.90 1.18
C MET A 358 -17.15 -19.69 0.51
N PHE A 359 -16.17 -19.92 -0.39
CA PHE A 359 -15.57 -18.85 -1.22
C PHE A 359 -16.23 -18.83 -2.60
N SER A 360 -16.20 -19.97 -3.29
CA SER A 360 -16.47 -20.04 -4.75
C SER A 360 -17.97 -19.83 -5.09
N ARG A 361 -18.89 -20.25 -4.23
N ARG A 361 -18.88 -20.25 -4.22
CA ARG A 361 -20.34 -20.09 -4.54
CA ARG A 361 -20.35 -20.13 -4.48
C ARG A 361 -20.63 -18.60 -4.73
C ARG A 361 -20.71 -18.65 -4.62
N PHE A 362 -19.97 -17.78 -3.92
CA PHE A 362 -20.34 -16.37 -3.68
C PHE A 362 -19.37 -15.39 -4.35
N ILE A 363 -18.08 -15.71 -4.42
CA ILE A 363 -17.05 -14.85 -5.10
C ILE A 363 -16.92 -15.34 -6.53
N ARG A 364 -17.52 -14.63 -7.46
CA ARG A 364 -17.70 -15.09 -8.85
C ARG A 364 -16.59 -14.44 -9.67
N PRO A 365 -16.22 -15.04 -10.81
CA PRO A 365 -15.21 -14.45 -11.69
C PRO A 365 -15.48 -12.94 -11.91
N ASP A 366 -14.39 -12.16 -12.03
CA ASP A 366 -14.39 -10.69 -12.24
C ASP A 366 -14.77 -9.93 -10.96
N ALA A 367 -14.96 -10.61 -9.84
CA ALA A 367 -14.93 -9.97 -8.51
C ALA A 367 -13.56 -9.32 -8.28
N VAL A 368 -13.51 -8.33 -7.40
CA VAL A 368 -12.24 -7.70 -6.95
C VAL A 368 -12.23 -7.77 -5.45
N ARG A 369 -11.07 -8.10 -4.92
CA ARG A 369 -10.85 -8.04 -3.45
C ARG A 369 -10.86 -6.57 -3.02
N ILE A 370 -11.42 -6.31 -1.85
CA ILE A 370 -11.52 -4.94 -1.28
C ILE A 370 -10.92 -4.90 0.12
N SER A 371 -10.68 -3.68 0.59
CA SER A 371 -10.01 -3.42 1.86
C SER A 371 -10.91 -3.82 3.05
N THR A 372 -10.33 -4.43 4.08
CA THR A 372 -10.99 -4.64 5.39
C THR A 372 -9.97 -4.25 6.46
N SER A 373 -10.47 -3.87 7.62
CA SER A 373 -9.60 -3.61 8.81
C SER A 373 -10.41 -3.98 10.06
N GLY A 374 -9.71 -4.28 11.15
CA GLY A 374 -10.36 -4.51 12.45
C GLY A 374 -10.73 -5.96 12.69
N SER A 375 -10.09 -6.93 12.03
CA SER A 375 -10.31 -8.37 12.30
C SER A 375 -10.07 -8.65 13.78
N PRO A 376 -11.00 -9.27 14.52
CA PRO A 376 -10.67 -9.75 15.86
C PRO A 376 -9.51 -10.75 15.80
N SER A 377 -8.85 -10.90 16.93
CA SER A 377 -7.82 -11.93 17.15
C SER A 377 -8.31 -13.32 16.68
N ASN A 378 -7.49 -13.99 15.86
CA ASN A 378 -7.74 -15.36 15.34
C ASN A 378 -9.00 -15.43 14.50
N VAL A 379 -9.47 -14.30 13.97
CA VAL A 379 -10.58 -14.29 12.96
C VAL A 379 -9.99 -13.79 11.64
N ASN A 380 -10.04 -14.62 10.61
CA ASN A 380 -9.47 -14.25 9.29
C ASN A 380 -10.61 -13.72 8.43
N VAL A 381 -10.49 -12.48 8.01
CA VAL A 381 -11.55 -11.78 7.26
C VAL A 381 -11.03 -11.48 5.84
N GLY A 382 -11.91 -11.59 4.87
CA GLY A 382 -11.67 -11.02 3.54
C GLY A 382 -12.93 -10.43 2.99
N ALA A 383 -12.82 -9.52 2.02
CA ALA A 383 -14.01 -8.99 1.38
C ALA A 383 -13.77 -8.82 -0.11
N PHE A 384 -14.85 -8.88 -0.83
CA PHE A 384 -14.87 -8.90 -2.31
C PHE A 384 -16.10 -8.17 -2.79
N LYS A 385 -15.96 -7.58 -3.97
CA LYS A 385 -17.05 -6.93 -4.69
C LYS A 385 -17.22 -7.67 -6.01
N ASN A 386 -18.40 -8.26 -6.22
CA ASN A 386 -18.75 -8.92 -7.49
C ASN A 386 -19.08 -7.87 -8.57
N ALA A 387 -19.02 -8.27 -9.82
CA ALA A 387 -19.40 -7.36 -10.93
C ALA A 387 -20.85 -6.89 -10.75
N ASP A 388 -21.72 -7.72 -10.16
CA ASP A 388 -23.16 -7.40 -9.98
C ASP A 388 -23.37 -6.49 -8.75
N GLY A 389 -22.30 -6.14 -8.05
CA GLY A 389 -22.33 -5.15 -6.96
C GLY A 389 -22.48 -5.74 -5.58
N SER A 390 -22.75 -7.04 -5.47
CA SER A 390 -22.83 -7.69 -4.15
C SER A 390 -21.45 -7.59 -3.47
N ILE A 391 -21.45 -7.39 -2.15
CA ILE A 391 -20.22 -7.37 -1.32
C ILE A 391 -20.24 -8.68 -0.54
N VAL A 392 -19.19 -9.48 -0.71
CA VAL A 392 -19.05 -10.78 -0.03
C VAL A 392 -18.01 -10.60 1.06
N VAL A 393 -18.39 -10.82 2.30
CA VAL A 393 -17.43 -10.77 3.43
C VAL A 393 -17.31 -12.21 3.97
N VAL A 394 -16.07 -12.71 4.02
CA VAL A 394 -15.78 -14.03 4.61
C VAL A 394 -15.08 -13.79 5.95
N ALA A 395 -15.51 -14.51 6.97
CA ALA A 395 -15.01 -14.45 8.34
C ALA A 395 -14.80 -15.90 8.77
N ILE A 396 -13.56 -16.24 9.00
CA ILE A 396 -13.17 -17.56 9.53
C ILE A 396 -12.77 -17.37 10.99
N ASN A 397 -13.62 -17.88 11.88
CA ASN A 397 -13.37 -17.84 13.33
C ASN A 397 -12.57 -19.06 13.75
N ASN A 398 -11.30 -18.88 14.05
CA ASN A 398 -10.43 -20.00 14.46
C ASN A 398 -10.38 -20.07 16.00
N ASN A 399 -11.16 -19.25 16.70
CA ASN A 399 -11.24 -19.31 18.18
C ASN A 399 -12.11 -20.50 18.59
N GLY A 400 -11.90 -21.01 19.81
CA GLY A 400 -12.75 -22.06 20.36
C GLY A 400 -14.06 -21.51 20.92
N ASN A 401 -14.37 -20.22 20.71
CA ASN A 401 -15.60 -19.60 21.21
C ASN A 401 -16.22 -18.76 20.09
N SER A 402 -17.51 -18.48 20.23
N SER A 402 -17.51 -18.48 20.20
CA SER A 402 -18.30 -17.49 19.44
CA SER A 402 -18.22 -17.52 19.32
C SER A 402 -17.59 -16.12 19.46
C SER A 402 -17.59 -16.13 19.43
N GLU A 403 -17.60 -15.40 18.32
CA GLU A 403 -17.07 -14.01 18.19
C GLU A 403 -18.15 -13.18 17.49
N THR A 404 -18.59 -12.10 18.12
CA THR A 404 -19.58 -11.16 17.56
C THR A 404 -18.83 -10.10 16.77
N ILE A 405 -19.30 -9.86 15.55
CA ILE A 405 -18.72 -8.83 14.67
C ILE A 405 -19.81 -7.91 14.16
N SER A 406 -19.35 -6.77 13.65
CA SER A 406 -20.15 -5.72 13.01
C SER A 406 -19.39 -5.30 11.75
N LEU A 407 -20.09 -5.03 10.66
CA LEU A 407 -19.45 -4.54 9.41
C LEU A 407 -19.89 -3.10 9.16
N SER A 408 -18.96 -2.17 9.36
CA SER A 408 -19.17 -0.76 9.03
C SER A 408 -18.40 -0.45 7.74
N GLY A 409 -18.67 0.71 7.13
CA GLY A 409 -18.02 1.17 5.88
C GLY A 409 -18.89 0.88 4.68
N ILE A 410 -19.92 0.05 4.85
CA ILE A 410 -20.95 -0.26 3.82
C ILE A 410 -22.33 -0.12 4.49
N THR A 411 -23.33 0.34 3.71
CA THR A 411 -24.73 0.47 4.18
C THR A 411 -25.52 -0.61 3.46
N ALA A 412 -25.90 -1.69 4.15
CA ALA A 412 -26.58 -2.83 3.54
C ALA A 412 -28.04 -2.53 3.45
N SER A 413 -28.66 -2.85 2.32
CA SER A 413 -30.13 -2.95 2.22
C SER A 413 -30.58 -4.37 2.59
N LYS A 414 -29.80 -5.40 2.26
CA LYS A 414 -30.21 -6.82 2.48
C LYS A 414 -28.94 -7.65 2.70
N VAL A 415 -29.09 -8.78 3.38
CA VAL A 415 -27.95 -9.72 3.59
C VAL A 415 -28.51 -11.13 3.51
N SER A 416 -27.83 -12.01 2.76
CA SER A 416 -28.00 -13.47 2.80
C SER A 416 -26.69 -14.02 3.33
N ALA A 417 -26.71 -14.76 4.42
CA ALA A 417 -25.49 -15.29 5.03
C ALA A 417 -25.59 -16.81 5.23
N TYR A 418 -24.41 -17.42 5.21
CA TYR A 418 -24.19 -18.88 5.23
C TYR A 418 -23.04 -19.18 6.17
N TYR A 419 -23.10 -20.33 6.82
CA TYR A 419 -22.01 -20.79 7.70
C TYR A 419 -21.74 -22.28 7.47
N MET A 420 -20.53 -22.62 7.85
CA MET A 420 -20.03 -24.00 7.83
C MET A 420 -19.24 -24.21 9.11
N ASP A 421 -19.58 -25.28 9.84
CA ASP A 421 -18.86 -25.74 11.05
C ASP A 421 -19.15 -27.23 11.22
N SER A 422 -18.63 -27.82 12.30
N SER A 422 -18.64 -27.80 12.30
CA SER A 422 -18.69 -29.28 12.56
CA SER A 422 -18.65 -29.25 12.60
C SER A 422 -20.15 -29.73 12.71
C SER A 422 -20.07 -29.72 12.95
N ALA A 423 -21.04 -28.81 13.11
CA ALA A 423 -22.43 -29.15 13.48
C ALA A 423 -23.31 -29.34 12.23
N VAL A 424 -22.90 -28.87 11.04
CA VAL A 424 -23.75 -29.01 9.82
C VAL A 424 -22.97 -29.85 8.78
N SER A 425 -23.68 -30.53 7.89
CA SER A 425 -23.03 -31.42 6.88
C SER A 425 -22.74 -30.65 5.59
N SER A 426 -23.30 -29.45 5.42
CA SER A 426 -22.93 -28.56 4.30
C SER A 426 -23.32 -27.13 4.66
N PRO A 427 -22.91 -26.12 3.88
CA PRO A 427 -23.20 -24.73 4.19
C PRO A 427 -24.70 -24.50 4.43
N SER A 428 -24.98 -23.75 5.49
CA SER A 428 -26.34 -23.64 6.06
C SER A 428 -26.66 -22.17 6.29
N THR A 429 -27.94 -21.83 6.30
CA THR A 429 -28.38 -20.43 6.51
C THR A 429 -27.89 -19.95 7.85
N PHE A 430 -27.28 -18.78 7.86
CA PHE A 430 -26.73 -18.12 9.05
C PHE A 430 -27.61 -16.91 9.36
N SER A 431 -27.95 -16.81 10.64
CA SER A 431 -28.80 -15.77 11.26
C SER A 431 -28.00 -14.47 11.40
N ALA A 432 -27.85 -13.68 10.35
CA ALA A 432 -27.13 -12.40 10.42
C ALA A 432 -28.08 -11.34 11.00
N THR A 433 -27.52 -10.34 11.66
CA THR A 433 -28.25 -9.14 12.13
C THR A 433 -28.10 -8.03 11.10
N LEU A 434 -29.05 -7.09 11.09
CA LEU A 434 -28.97 -5.91 10.22
C LEU A 434 -29.64 -4.74 10.93
N ASN A 435 -28.87 -3.75 11.39
CA ASN A 435 -29.34 -2.57 12.16
C ASN A 435 -28.85 -1.29 11.50
N GLY A 436 -29.74 -0.45 11.00
CA GLY A 436 -29.38 0.84 10.39
C GLY A 436 -28.37 0.68 9.28
N GLY A 437 -28.51 -0.38 8.49
CA GLY A 437 -27.61 -0.72 7.36
C GLY A 437 -26.31 -1.39 7.81
N THR A 438 -26.13 -1.65 9.10
CA THR A 438 -24.95 -2.38 9.64
C THR A 438 -25.25 -3.88 9.78
N VAL A 439 -24.52 -4.70 9.03
CA VAL A 439 -24.59 -6.19 9.11
C VAL A 439 -23.75 -6.67 10.31
N GLY A 440 -24.23 -7.67 11.02
CA GLY A 440 -23.44 -8.29 12.09
C GLY A 440 -23.81 -9.73 12.26
N GLY A 441 -23.16 -10.36 13.23
CA GLY A 441 -23.49 -11.73 13.59
C GLY A 441 -22.56 -12.28 14.65
N SER A 442 -22.98 -13.40 15.20
CA SER A 442 -22.21 -14.21 16.16
C SER A 442 -21.58 -15.37 15.39
N LEU A 443 -20.28 -15.27 15.08
CA LEU A 443 -19.52 -16.30 14.33
C LEU A 443 -19.32 -17.50 15.25
N PRO A 444 -19.85 -18.69 14.92
CA PRO A 444 -19.65 -19.87 15.75
C PRO A 444 -18.17 -20.21 15.83
N ALA A 445 -17.78 -20.86 16.90
CA ALA A 445 -16.41 -21.38 17.08
C ALA A 445 -15.98 -22.22 15.86
N ARG A 446 -14.72 -22.13 15.47
CA ARG A 446 -14.10 -23.04 14.47
C ARG A 446 -15.02 -23.10 13.24
N SER A 447 -15.46 -21.95 12.76
CA SER A 447 -16.44 -21.87 11.65
C SER A 447 -15.95 -20.95 10.55
N MET A 448 -16.62 -21.03 9.41
CA MET A 448 -16.56 -19.99 8.38
C MET A 448 -17.98 -19.47 8.18
N VAL A 449 -18.10 -18.15 8.09
CA VAL A 449 -19.37 -17.48 7.75
C VAL A 449 -19.11 -16.64 6.49
N THR A 450 -19.98 -16.76 5.50
CA THR A 450 -19.95 -15.86 4.33
C THR A 450 -21.21 -15.00 4.29
N PHE A 451 -21.04 -13.69 4.30
CA PHE A 451 -22.12 -12.69 4.19
C PHE A 451 -22.16 -12.22 2.73
N VAL A 452 -23.31 -12.30 2.08
CA VAL A 452 -23.53 -11.73 0.73
C VAL A 452 -24.41 -10.51 0.91
N ILE A 453 -23.81 -9.34 0.77
CA ILE A 453 -24.47 -8.06 1.19
C ILE A 453 -24.90 -7.32 -0.07
N THR A 454 -26.14 -6.87 -0.08
CA THR A 454 -26.65 -5.96 -1.13
C THR A 454 -26.76 -4.58 -0.50
N THR A 455 -26.14 -3.59 -1.14
CA THR A 455 -26.24 -2.20 -0.65
C THR A 455 -27.33 -1.47 -1.46
N THR B 24 -12.14 46.02 25.20
CA THR B 24 -11.31 45.48 26.25
C THR B 24 -11.01 44.01 25.95
N ILE B 25 -9.74 43.73 25.69
CA ILE B 25 -9.18 42.37 25.59
C ILE B 25 -8.53 41.99 26.94
N THR B 26 -8.88 40.82 27.45
CA THR B 26 -8.33 40.32 28.71
C THR B 26 -7.24 39.30 28.37
N VAL B 27 -6.07 39.52 28.93
CA VAL B 27 -4.91 38.61 28.80
C VAL B 27 -4.63 38.01 30.16
N ASN B 28 -4.42 36.70 30.21
CA ASN B 28 -4.20 35.99 31.50
C ASN B 28 -2.95 35.13 31.36
N PRO B 29 -1.78 35.65 31.77
CA PRO B 29 -0.53 34.90 31.65
C PRO B 29 -0.48 33.63 32.50
N SER B 30 -1.33 33.51 33.54
CA SER B 30 -1.36 32.33 34.43
C SER B 30 -2.13 31.14 33.87
N THR B 31 -2.90 31.29 32.80
CA THR B 31 -3.47 30.16 32.03
C THR B 31 -2.61 29.99 30.76
N THR B 32 -1.90 28.87 30.69
CA THR B 32 -0.90 28.56 29.64
C THR B 32 -1.36 27.36 28.78
N TYR B 33 -0.87 27.34 27.54
CA TYR B 33 -1.22 26.30 26.57
C TYR B 33 0.08 25.73 26.05
N GLN B 34 0.23 25.64 24.73
CA GLN B 34 1.38 24.96 24.09
C GLN B 34 2.64 25.81 24.15
N THR B 35 3.78 25.15 24.09
CA THR B 35 5.09 25.77 23.87
C THR B 35 5.26 25.95 22.36
N ILE B 36 5.73 27.11 21.96
CA ILE B 36 6.04 27.42 20.54
C ILE B 36 7.46 26.95 20.20
N ASP B 37 7.59 26.21 19.09
CA ASP B 37 8.89 25.81 18.53
C ASP B 37 9.30 26.80 17.42
N GLY B 38 8.33 27.32 16.67
CA GLY B 38 8.65 28.33 15.67
C GLY B 38 7.84 28.24 14.39
N PHE B 39 8.41 28.81 13.35
CA PHE B 39 7.76 29.07 12.05
C PHE B 39 8.78 28.84 10.96
N GLY B 40 8.38 28.28 9.84
CA GLY B 40 9.41 27.97 8.82
C GLY B 40 8.87 27.49 7.50
N PHE B 41 9.70 26.71 6.83
CA PHE B 41 9.61 26.46 5.38
C PHE B 41 10.56 25.32 5.00
N SER B 42 10.49 24.94 3.72
CA SER B 42 11.30 23.89 3.07
C SER B 42 12.10 24.48 1.89
N GLU B 43 13.17 23.80 1.50
CA GLU B 43 13.82 24.03 0.19
C GLU B 43 13.98 22.67 -0.50
N ALA B 44 12.98 21.79 -0.35
CA ALA B 44 12.97 20.46 -0.98
C ALA B 44 12.95 20.51 -2.52
N PHE B 45 13.23 19.35 -3.10
CA PHE B 45 13.12 19.06 -4.56
C PHE B 45 14.01 20.01 -5.38
N GLY B 46 15.12 20.49 -4.84
CA GLY B 46 16.07 21.35 -5.56
C GLY B 46 15.55 22.76 -5.77
N PHE B 47 14.41 23.13 -5.19
CA PHE B 47 13.78 24.41 -5.58
C PHE B 47 14.64 25.60 -5.12
N GLY B 48 15.44 25.43 -4.09
CA GLY B 48 16.33 26.49 -3.57
C GLY B 48 17.74 26.42 -4.12
N ALA B 49 18.03 25.46 -5.01
CA ALA B 49 19.44 25.23 -5.45
C ALA B 49 19.92 26.39 -6.33
N PRO B 50 19.13 26.91 -7.31
CA PRO B 50 19.58 28.08 -8.06
C PRO B 50 20.02 29.26 -7.16
N ILE B 51 19.26 29.55 -6.11
CA ILE B 51 19.66 30.61 -5.13
C ILE B 51 20.98 30.22 -4.46
N ALA B 52 21.19 28.95 -4.11
CA ALA B 52 22.43 28.50 -3.44
C ALA B 52 23.63 28.75 -4.36
N SER B 53 23.43 28.92 -5.66
CA SER B 53 24.53 29.03 -6.64
C SER B 53 24.61 30.44 -7.21
N ALA B 54 23.80 31.37 -6.71
CA ALA B 54 23.71 32.74 -7.29
C ALA B 54 24.78 33.63 -6.66
N SER B 55 24.83 34.87 -7.09
CA SER B 55 25.77 35.87 -6.53
C SER B 55 25.58 36.03 -5.01
N ALA B 56 26.63 36.42 -4.33
CA ALA B 56 26.62 36.68 -2.87
C ALA B 56 25.52 37.70 -2.53
N SER B 57 25.35 38.73 -3.33
CA SER B 57 24.35 39.80 -3.10
C SER B 57 22.90 39.21 -3.14
N ILE B 58 22.61 38.33 -4.10
CA ILE B 58 21.28 37.64 -4.19
C ILE B 58 21.12 36.73 -2.97
N GLN B 59 22.16 36.03 -2.56
CA GLN B 59 22.07 35.09 -1.44
C GLN B 59 21.76 35.86 -0.14
N THR B 60 22.47 36.98 0.08
CA THR B 60 22.27 37.85 1.26
C THR B 60 20.83 38.39 1.26
N GLN B 61 20.33 38.89 0.15
CA GLN B 61 18.95 39.45 0.10
C GLN B 61 17.95 38.34 0.48
N VAL B 62 18.12 37.15 -0.09
CA VAL B 62 17.13 36.04 0.15
C VAL B 62 17.22 35.62 1.60
N THR B 63 18.41 35.29 2.10
CA THR B 63 18.55 34.75 3.46
C THR B 63 18.13 35.81 4.50
N ASN B 64 18.36 37.10 4.22
CA ASN B 64 17.90 38.16 5.15
C ASN B 64 16.37 38.20 5.19
N TYR B 65 15.69 38.11 4.05
CA TYR B 65 14.20 38.14 4.04
C TYR B 65 13.66 36.97 4.87
N LEU B 66 14.29 35.80 4.79
CA LEU B 66 13.75 34.61 5.50
C LEU B 66 14.10 34.68 6.98
N PHE B 67 15.33 35.06 7.34
CA PHE B 67 15.88 34.79 8.69
C PHE B 67 16.05 36.05 9.54
N SER B 68 16.22 37.22 8.96
CA SER B 68 16.44 38.46 9.76
C SER B 68 15.23 38.77 10.67
N THR B 69 15.46 39.03 11.96
CA THR B 69 14.39 39.46 12.89
C THR B 69 14.15 40.95 12.75
N THR B 70 14.96 41.67 11.97
CA THR B 70 14.81 43.14 11.80
C THR B 70 14.37 43.51 10.38
N THR B 71 14.76 42.81 9.32
CA THR B 71 14.42 43.22 7.95
C THR B 71 13.73 42.06 7.21
N GLY B 72 13.49 40.93 7.91
CA GLY B 72 12.91 39.74 7.27
C GLY B 72 11.80 39.17 8.14
N ALA B 73 11.59 37.86 8.06
CA ALA B 73 10.53 37.15 8.79
C ALA B 73 11.05 36.50 10.05
N GLY B 74 12.36 36.44 10.28
CA GLY B 74 12.88 35.82 11.50
C GLY B 74 12.46 34.36 11.65
N LEU B 75 12.43 33.61 10.56
CA LEU B 75 11.94 32.22 10.60
C LEU B 75 12.93 31.29 11.30
N THR B 76 12.40 30.26 11.94
CA THR B 76 13.16 29.50 12.98
C THR B 76 13.14 28.00 12.74
N ILE B 77 12.53 27.53 11.64
CA ILE B 77 12.44 26.07 11.35
C ILE B 77 12.68 25.83 9.87
N LEU B 78 13.54 24.88 9.56
CA LEU B 78 13.78 24.44 8.15
C LEU B 78 13.41 22.97 8.06
N ARG B 79 12.59 22.65 7.06
CA ARG B 79 12.20 21.27 6.74
C ARG B 79 12.89 20.85 5.45
N ASN B 80 13.65 19.77 5.50
CA ASN B 80 14.42 19.20 4.36
C ASN B 80 13.78 17.89 3.96
N ARG B 81 13.91 17.53 2.70
CA ARG B 81 13.45 16.24 2.15
C ARG B 81 14.62 15.26 2.05
N ILE B 82 14.38 14.04 2.51
CA ILE B 82 15.26 12.87 2.28
C ILE B 82 14.81 12.22 0.97
N ALA B 83 15.51 12.49 -0.13
CA ALA B 83 15.12 12.00 -1.47
C ALA B 83 15.15 10.46 -1.54
N ALA B 84 14.14 9.88 -2.20
CA ALA B 84 13.91 8.42 -2.27
C ALA B 84 14.60 7.72 -3.44
N GLY B 85 14.64 8.33 -4.61
CA GLY B 85 15.15 7.66 -5.83
C GLY B 85 16.45 8.29 -6.29
N SER B 86 16.45 9.09 -7.35
CA SER B 86 17.72 9.40 -8.08
C SER B 86 18.72 10.19 -7.20
N GLY B 87 18.25 11.14 -6.38
CA GLY B 87 19.06 11.94 -5.42
C GLY B 87 19.16 11.31 -4.04
N SER B 88 18.88 10.01 -3.92
CA SER B 88 18.91 9.25 -2.65
C SER B 88 20.35 8.90 -2.27
N ILE B 89 20.60 8.80 -0.98
CA ILE B 89 21.88 8.26 -0.49
C ILE B 89 21.98 6.76 -0.81
N GLU B 90 20.89 6.07 -1.18
CA GLU B 90 20.93 4.62 -1.47
C GLU B 90 20.18 4.41 -2.77
N PRO B 91 20.77 4.83 -3.89
CA PRO B 91 20.10 4.85 -5.19
C PRO B 91 19.88 3.45 -5.79
N ASN B 92 20.61 2.43 -5.34
CA ASN B 92 20.53 1.06 -5.91
C ASN B 92 20.24 0.04 -4.81
N ALA B 93 19.38 -0.94 -5.10
CA ALA B 93 19.01 -2.00 -4.13
C ALA B 93 20.25 -2.82 -3.79
N PRO B 94 20.42 -3.24 -2.51
CA PRO B 94 21.38 -4.29 -2.19
C PRO B 94 20.72 -5.63 -2.53
N SER B 95 21.41 -6.74 -2.31
CA SER B 95 20.92 -8.04 -2.79
C SER B 95 19.69 -8.48 -1.97
N GLY B 96 19.50 -7.94 -0.76
CA GLY B 96 18.31 -8.21 0.03
C GLY B 96 18.28 -7.36 1.30
N PRO B 97 17.24 -7.53 2.13
CA PRO B 97 16.97 -6.63 3.25
C PRO B 97 18.06 -6.71 4.34
N ASN B 98 18.87 -7.77 4.34
CA ASN B 98 19.88 -7.95 5.40
C ASN B 98 21.26 -7.65 4.84
N ALA B 99 21.37 -7.41 3.53
CA ALA B 99 22.67 -7.25 2.83
C ALA B 99 23.25 -5.88 3.16
N GLN B 100 24.57 -5.79 3.10
CA GLN B 100 25.31 -4.53 3.25
C GLN B 100 24.82 -3.50 2.23
N PRO B 101 24.31 -2.32 2.64
CA PRO B 101 23.91 -1.30 1.68
C PRO B 101 25.13 -0.60 1.06
N THR B 102 24.96 -0.04 -0.13
CA THR B 102 25.93 0.92 -0.69
C THR B 102 25.32 2.30 -0.58
N TYR B 103 26.01 3.20 0.10
CA TYR B 103 25.58 4.60 0.29
C TYR B 103 26.47 5.52 -0.53
N THR B 104 25.91 6.65 -0.93
CA THR B 104 26.64 7.71 -1.66
C THR B 104 26.28 9.06 -1.00
N TRP B 105 27.19 10.01 -1.07
CA TRP B 105 27.02 11.35 -0.45
C TRP B 105 27.80 12.39 -1.25
N ASP B 106 27.13 13.44 -1.76
CA ASP B 106 27.81 14.43 -2.63
C ASP B 106 28.09 15.73 -1.85
N GLY B 107 27.74 15.83 -0.57
CA GLY B 107 27.91 17.07 0.22
C GLY B 107 26.96 18.19 -0.20
N ASN B 108 25.95 17.89 -1.02
CA ASN B 108 25.10 18.91 -1.68
C ASN B 108 23.63 18.68 -1.33
N ASP B 109 23.08 17.51 -1.67
CA ASP B 109 21.69 17.11 -1.37
C ASP B 109 20.72 18.16 -1.94
N ALA B 110 20.91 18.49 -3.22
CA ALA B 110 19.96 19.35 -3.96
C ALA B 110 19.82 20.70 -3.23
N GLY B 111 20.93 21.31 -2.79
CA GLY B 111 20.92 22.64 -2.15
C GLY B 111 20.67 22.60 -0.65
N GLN B 112 20.32 21.47 -0.09
CA GLN B 112 19.88 21.46 1.30
C GLN B 112 21.05 21.58 2.26
N VAL B 113 22.26 21.09 1.91
CA VAL B 113 23.43 21.35 2.78
C VAL B 113 23.64 22.88 2.87
N TRP B 114 23.67 23.58 1.74
CA TRP B 114 23.88 25.04 1.71
C TRP B 114 22.81 25.76 2.54
N TRP B 115 21.55 25.39 2.32
CA TRP B 115 20.39 26.00 3.02
C TRP B 115 20.47 25.71 4.51
N SER B 116 20.90 24.52 4.91
CA SER B 116 20.95 24.13 6.34
C SER B 116 22.06 24.97 7.02
N LYS B 117 23.18 25.16 6.34
CA LYS B 117 24.30 25.97 6.94
C LYS B 117 23.88 27.45 7.04
N GLN B 118 23.22 27.99 6.00
CA GLN B 118 22.71 29.39 6.03
C GLN B 118 21.75 29.55 7.21
N ALA B 119 20.82 28.59 7.34
CA ALA B 119 19.78 28.58 8.39
C ALA B 119 20.46 28.61 9.77
N ARG B 120 21.38 27.71 10.03
CA ARG B 120 22.02 27.63 11.36
C ARG B 120 22.73 28.94 11.66
N ALA B 121 23.40 29.50 10.66
CA ALA B 121 24.21 30.74 10.82
C ALA B 121 23.30 31.91 11.17
N LYS B 122 22.05 31.94 10.70
CA LYS B 122 21.17 33.12 10.85
C LYS B 122 19.99 32.78 11.76
N GLY B 123 20.15 31.86 12.73
CA GLY B 123 19.28 31.77 13.91
C GLY B 123 18.20 30.68 13.84
N VAL B 124 18.19 29.81 12.83
CA VAL B 124 17.19 28.71 12.82
C VAL B 124 17.40 27.78 14.01
N LYS B 125 16.31 27.44 14.69
CA LYS B 125 16.35 26.63 15.92
C LYS B 125 16.31 25.15 15.57
N TYR B 126 15.44 24.76 14.63
CA TYR B 126 15.13 23.34 14.36
C TYR B 126 15.30 23.04 12.88
N ILE B 127 15.96 21.93 12.63
CA ILE B 127 15.95 21.29 11.30
C ILE B 127 15.19 19.97 11.41
N TYR B 128 14.22 19.81 10.52
CA TYR B 128 13.38 18.61 10.41
C TYR B 128 13.67 17.95 9.08
N ALA B 129 14.22 16.74 9.08
CA ALA B 129 14.46 16.01 7.80
C ALA B 129 13.32 15.00 7.65
N ASP B 130 12.66 15.01 6.49
CA ASP B 130 11.42 14.24 6.28
C ASP B 130 11.54 13.46 4.98
N ALA B 131 11.38 12.14 5.03
CA ALA B 131 11.33 11.31 3.81
C ALA B 131 9.91 11.38 3.24
N TRP B 132 9.76 11.55 1.93
CA TRP B 132 8.43 11.41 1.25
C TRP B 132 8.18 9.93 0.94
N SER B 133 9.24 9.14 0.80
CA SER B 133 9.17 7.69 0.53
C SER B 133 10.45 7.02 1.01
N ALA B 134 10.35 5.75 1.31
CA ALA B 134 11.51 4.87 1.31
C ALA B 134 12.01 4.66 -0.13
N PRO B 135 13.25 4.17 -0.33
CA PRO B 135 13.65 3.74 -1.67
C PRO B 135 12.68 2.66 -2.21
N ALA B 136 12.63 2.55 -3.52
CA ALA B 136 11.59 1.74 -4.21
C ALA B 136 11.63 0.27 -3.75
N PHE B 137 12.83 -0.27 -3.62
CA PHE B 137 13.09 -1.70 -3.30
C PHE B 137 12.72 -2.03 -1.85
N MET B 138 12.36 -1.03 -1.04
CA MET B 138 11.90 -1.32 0.34
C MET B 138 10.36 -1.33 0.44
N LYS B 139 9.66 -1.20 -0.70
CA LYS B 139 8.20 -0.94 -0.74
C LYS B 139 7.40 -2.04 -1.45
N THR B 140 6.15 -2.20 -1.06
CA THR B 140 5.21 -3.22 -1.61
C THR B 140 5.05 -3.04 -3.11
N ASN B 141 5.17 -1.82 -3.63
CA ASN B 141 4.94 -1.56 -5.09
C ASN B 141 6.26 -1.40 -5.85
N ASP B 142 7.40 -1.51 -5.18
CA ASP B 142 8.73 -1.47 -5.84
C ASP B 142 8.85 -0.20 -6.69
N ASN B 143 8.38 0.95 -6.21
CA ASN B 143 8.34 2.23 -6.96
C ASN B 143 8.37 3.36 -5.92
N VAL B 144 9.13 4.43 -6.12
CA VAL B 144 9.17 5.56 -5.14
C VAL B 144 7.86 6.35 -5.16
N ALA B 145 7.11 6.25 -6.26
CA ALA B 145 5.87 7.02 -6.53
C ALA B 145 4.61 6.14 -6.43
N ASN B 146 3.44 6.81 -6.43
CA ASN B 146 2.10 6.18 -6.54
C ASN B 146 1.84 5.34 -5.31
N GLY B 147 2.29 5.78 -4.13
CA GLY B 147 1.98 5.10 -2.87
C GLY B 147 2.89 3.90 -2.62
N GLY B 148 2.30 2.76 -2.29
CA GLY B 148 3.05 1.60 -1.76
C GLY B 148 3.28 1.75 -0.27
N TYR B 149 3.67 0.65 0.36
CA TYR B 149 3.85 0.56 1.83
C TYR B 149 5.26 0.10 2.10
N LEU B 150 5.82 0.51 3.23
CA LEU B 150 7.11 -0.04 3.69
C LEU B 150 6.98 -1.54 3.95
N CYS B 151 7.78 -2.33 3.26
CA CYS B 151 7.79 -3.81 3.40
C CYS B 151 8.03 -4.21 4.84
N GLY B 152 7.15 -5.04 5.36
CA GLY B 152 7.29 -5.62 6.71
C GLY B 152 6.46 -4.88 7.74
N THR B 153 5.85 -3.73 7.39
CA THR B 153 4.87 -3.09 8.31
C THR B 153 3.63 -3.95 8.39
N THR B 154 2.84 -3.80 9.47
CA THR B 154 1.74 -4.76 9.78
C THR B 154 0.86 -4.94 8.55
N GLY B 155 0.68 -6.19 8.11
CA GLY B 155 -0.20 -6.52 6.97
C GLY B 155 0.42 -6.17 5.62
N GLU B 156 1.66 -5.69 5.56
CA GLU B 156 2.30 -5.30 4.29
C GLU B 156 3.63 -6.06 4.16
N THR B 157 3.55 -7.38 4.09
CA THR B 157 4.81 -8.17 3.89
C THR B 157 5.09 -8.17 2.38
N CYS B 158 6.36 -8.41 2.03
CA CYS B 158 6.88 -8.36 0.64
C CYS B 158 7.63 -9.66 0.37
N SER B 159 7.60 -10.14 -0.88
CA SER B 159 8.35 -11.35 -1.28
C SER B 159 9.85 -11.13 -1.15
N SER B 160 10.34 -9.88 -1.16
CA SER B 160 11.80 -9.59 -1.03
C SER B 160 12.22 -9.53 0.43
N GLY B 161 11.26 -9.54 1.37
CA GLY B 161 11.52 -9.62 2.80
C GLY B 161 11.10 -8.36 3.54
N ASP B 162 11.57 -8.23 4.77
CA ASP B 162 11.21 -7.13 5.70
C ASP B 162 12.32 -6.08 5.66
N TRP B 163 12.00 -4.86 5.19
CA TRP B 163 12.97 -3.78 4.97
C TRP B 163 12.87 -2.72 6.08
N ARG B 164 12.20 -3.04 7.20
CA ARG B 164 12.05 -2.00 8.26
C ARG B 164 13.41 -1.62 8.83
N GLN B 165 14.22 -2.60 9.23
CA GLN B 165 15.58 -2.28 9.77
C GLN B 165 16.42 -1.58 8.72
N ALA B 166 16.36 -2.00 7.44
CA ALA B 166 17.16 -1.35 6.39
C ALA B 166 16.73 0.12 6.27
N TYR B 167 15.44 0.40 6.33
CA TYR B 167 14.94 1.78 6.17
C TYR B 167 15.35 2.62 7.39
N ALA B 168 15.23 2.08 8.59
CA ALA B 168 15.76 2.81 9.77
C ALA B 168 17.26 3.09 9.62
N ASN B 169 18.05 2.14 9.11
CA ASN B 169 19.51 2.28 8.95
C ASN B 169 19.80 3.37 7.90
N TYR B 170 18.98 3.42 6.86
CA TYR B 170 19.04 4.42 5.78
C TYR B 170 18.77 5.81 6.35
N LEU B 171 17.73 5.96 7.15
CA LEU B 171 17.40 7.29 7.73
C LEU B 171 18.54 7.73 8.68
N VAL B 172 19.12 6.80 9.44
CA VAL B 172 20.23 7.14 10.38
C VAL B 172 21.46 7.52 9.55
N GLN B 173 21.70 6.85 8.43
CA GLN B 173 22.86 7.20 7.57
C GLN B 173 22.67 8.62 7.03
N TYR B 174 21.43 9.01 6.69
CA TYR B 174 21.20 10.35 6.16
C TYR B 174 21.51 11.38 7.26
N ILE B 175 21.09 11.09 8.48
CA ILE B 175 21.33 11.98 9.65
C ILE B 175 22.85 12.07 9.87
N LYS B 176 23.55 10.94 9.77
CA LYS B 176 25.03 10.91 9.95
C LYS B 176 25.71 11.72 8.84
N ASP B 177 25.19 11.67 7.61
CA ASP B 177 25.79 12.47 6.51
C ASP B 177 25.70 13.96 6.84
N TYR B 178 24.56 14.44 7.38
CA TYR B 178 24.42 15.85 7.78
C TYR B 178 25.41 16.14 8.92
N ALA B 179 25.51 15.24 9.89
CA ALA B 179 26.42 15.47 11.05
C ALA B 179 27.85 15.62 10.53
N ASN B 180 28.20 14.92 9.43
CA ASN B 180 29.55 14.99 8.83
C ASN B 180 29.77 16.30 8.11
N GLU B 181 28.71 17.07 7.84
CA GLU B 181 28.80 18.45 7.31
C GLU B 181 28.64 19.45 8.47
N GLY B 182 28.60 18.96 9.70
CA GLY B 182 28.53 19.81 10.91
C GLY B 182 27.10 20.27 11.21
N ILE B 183 26.09 19.59 10.66
CA ILE B 183 24.66 19.99 10.80
C ILE B 183 23.95 18.93 11.62
N THR B 184 23.41 19.30 12.77
CA THR B 184 22.58 18.41 13.60
C THR B 184 21.13 18.48 13.13
N ILE B 185 20.57 17.33 12.76
N ILE B 185 20.57 17.34 12.77
CA ILE B 185 19.12 17.22 12.45
CA ILE B 185 19.11 17.26 12.46
C ILE B 185 18.36 17.01 13.76
C ILE B 185 18.37 17.03 13.78
N ASP B 186 17.39 17.87 14.07
CA ASP B 186 16.68 17.79 15.36
C ASP B 186 15.60 16.71 15.27
N PHE B 187 14.87 16.63 14.16
CA PHE B 187 13.71 15.71 14.01
C PHE B 187 13.84 14.96 12.71
N VAL B 188 13.36 13.72 12.72
CA VAL B 188 13.32 12.90 11.49
C VAL B 188 11.92 12.34 11.32
N GLY B 189 11.43 12.44 10.08
CA GLY B 189 10.14 11.87 9.68
C GLY B 189 10.36 10.85 8.57
N TRP B 190 9.56 9.79 8.54
CA TRP B 190 9.78 8.64 7.63
C TRP B 190 8.64 8.57 6.60
N LEU B 191 7.73 9.53 6.64
CA LEU B 191 6.51 9.56 5.78
C LEU B 191 6.22 10.99 5.36
N ASN B 192 5.57 11.10 4.22
CA ASN B 192 4.94 12.38 3.83
C ASN B 192 3.58 12.07 3.25
N GLU B 193 2.54 12.75 3.73
CA GLU B 193 1.13 12.61 3.27
C GLU B 193 0.85 11.14 2.97
N PRO B 194 1.02 10.25 3.96
CA PRO B 194 0.82 8.81 3.73
C PRO B 194 -0.67 8.39 3.62
N ASP B 195 -1.53 9.40 3.50
CA ASP B 195 -2.96 9.26 3.11
C ASP B 195 -3.13 9.67 1.66
N TYR B 196 -2.03 9.83 0.91
CA TYR B 196 -2.11 10.40 -0.47
C TYR B 196 -1.10 9.72 -1.41
N SER B 197 -1.52 9.36 -2.63
CA SER B 197 -0.70 8.55 -3.59
C SER B 197 -0.43 9.31 -4.88
N PRO B 198 0.31 10.43 -4.88
CA PRO B 198 0.59 11.17 -6.11
C PRO B 198 1.65 10.45 -6.95
N ASN B 199 1.93 10.97 -8.15
CA ASN B 199 2.92 10.36 -9.09
C ASN B 199 4.32 10.96 -8.83
N TYR B 200 4.70 11.15 -7.58
CA TYR B 200 6.08 11.51 -7.18
C TYR B 200 6.28 10.83 -5.83
N ASP B 201 7.46 10.97 -5.20
CA ASP B 201 7.79 10.27 -3.95
C ASP B 201 6.59 10.29 -3.00
N SER B 202 6.18 9.12 -2.56
CA SER B 202 4.99 8.93 -1.71
C SER B 202 5.07 7.54 -1.10
N MET B 203 4.45 7.34 0.06
CA MET B 203 4.44 6.05 0.74
C MET B 203 3.33 6.13 1.79
N LEU B 204 2.55 5.06 1.94
CA LEU B 204 1.27 5.08 2.68
C LEU B 204 1.40 4.37 4.01
N ILE B 205 0.43 4.69 4.85
CA ILE B 205 0.00 3.91 6.04
C ILE B 205 -1.52 3.75 6.01
N THR B 206 -2.00 2.67 6.57
CA THR B 206 -3.45 2.42 6.69
C THR B 206 -3.97 3.10 7.96
N SER B 207 -3.11 3.32 8.96
CA SER B 207 -3.53 3.81 10.29
C SER B 207 -2.29 4.12 11.11
N GLY B 208 -2.49 4.85 12.20
CA GLY B 208 -1.44 5.04 13.22
C GLY B 208 -0.99 3.72 13.81
N THR B 209 -1.88 2.73 13.90
CA THR B 209 -1.56 1.38 14.43
C THR B 209 -0.47 0.76 13.54
N GLN B 210 -0.64 0.84 12.22
CA GLN B 210 0.38 0.32 11.29
C GLN B 210 1.67 1.13 11.41
N ALA B 211 1.60 2.46 11.55
CA ALA B 211 2.80 3.29 11.76
C ALA B 211 3.57 2.80 12.99
N ALA B 212 2.87 2.37 14.04
CA ALA B 212 3.47 1.88 15.29
C ALA B 212 4.27 0.59 15.07
N SER B 213 4.12 -0.09 13.94
CA SER B 213 4.94 -1.29 13.61
C SER B 213 6.36 -0.91 13.12
N PHE B 214 6.63 0.36 12.82
CA PHE B 214 7.97 0.83 12.42
C PHE B 214 8.62 1.71 13.50
N ILE B 215 7.80 2.51 14.19
CA ILE B 215 8.32 3.59 15.07
C ILE B 215 9.32 3.04 16.08
N PRO B 216 9.08 1.95 16.84
CA PRO B 216 10.09 1.46 17.77
C PRO B 216 11.43 1.06 17.14
N THR B 217 11.39 0.40 15.97
CA THR B 217 12.59 0.07 15.20
C THR B 217 13.40 1.32 14.91
N LEU B 218 12.75 2.36 14.41
CA LEU B 218 13.42 3.62 14.12
C LEU B 218 14.01 4.20 15.44
N TYR B 219 13.24 4.20 16.52
CA TYR B 219 13.65 4.75 17.83
C TYR B 219 14.94 4.06 18.33
N ASN B 220 14.94 2.74 18.24
CA ASN B 220 16.06 1.88 18.77
C ASN B 220 17.30 2.10 17.92
N THR B 221 17.11 2.30 16.61
CA THR B 221 18.20 2.46 15.63
C THR B 221 18.87 3.82 15.83
N ILE B 222 18.08 4.87 16.05
CA ILE B 222 18.63 6.23 16.32
C ILE B 222 19.46 6.14 17.62
N LYS B 223 18.90 5.54 18.65
CA LYS B 223 19.56 5.43 19.96
C LYS B 223 20.88 4.65 19.84
N SER B 224 20.88 3.58 19.06
N SER B 224 20.88 3.56 19.07
CA SER B 224 22.05 2.69 18.84
CA SER B 224 22.05 2.69 18.86
C SER B 224 23.21 3.44 18.18
C SER B 224 23.20 3.47 18.21
N ALA B 225 22.90 4.46 17.38
CA ALA B 225 23.89 5.27 16.65
C ALA B 225 24.47 6.38 17.54
N GLY B 226 24.01 6.51 18.79
CA GLY B 226 24.42 7.59 19.71
C GLY B 226 23.77 8.93 19.36
N LEU B 227 22.68 8.89 18.60
CA LEU B 227 21.91 10.10 18.22
C LEU B 227 20.73 10.29 19.17
N SER B 228 20.20 11.50 19.19
CA SER B 228 19.04 11.93 20.01
C SER B 228 17.98 12.50 19.08
N THR B 229 18.04 12.21 17.78
CA THR B 229 17.10 12.78 16.82
C THR B 229 15.70 12.39 17.23
N GLY B 230 14.77 13.33 17.27
CA GLY B 230 13.38 13.01 17.63
C GLY B 230 12.60 12.55 16.44
N ILE B 231 11.66 11.63 16.64
CA ILE B 231 10.83 11.13 15.53
C ILE B 231 9.58 12.02 15.45
N ALA B 232 9.22 12.41 14.25
CA ALA B 232 7.99 13.16 13.95
C ALA B 232 7.09 12.26 13.11
N CYS B 233 5.80 12.25 13.33
CA CYS B 233 4.87 11.43 12.50
C CYS B 233 3.53 12.17 12.45
N CYS B 234 2.76 12.10 11.36
CA CYS B 234 3.05 11.35 10.15
C CYS B 234 2.82 12.21 8.92
N ASP B 235 2.76 13.53 9.07
CA ASP B 235 2.60 14.49 7.95
C ASP B 235 1.41 14.15 7.03
N PRO B 236 0.22 13.81 7.56
CA PRO B 236 -0.96 13.63 6.70
C PRO B 236 -1.25 14.86 5.83
N PHE B 237 -1.90 14.67 4.69
CA PHE B 237 -2.25 15.80 3.82
C PHE B 237 -3.37 16.62 4.46
N GLY B 238 -3.99 16.14 5.52
CA GLY B 238 -5.02 16.90 6.23
C GLY B 238 -5.09 16.58 7.71
N TRP B 239 -5.59 17.54 8.47
CA TRP B 239 -5.73 17.48 9.94
C TRP B 239 -6.58 16.32 10.44
N SER B 240 -7.62 15.95 9.69
N SER B 240 -7.62 15.94 9.69
CA SER B 240 -8.54 14.86 10.12
CA SER B 240 -8.54 14.87 10.13
C SER B 240 -7.73 13.58 10.38
C SER B 240 -7.75 13.56 10.35
N ASP B 241 -6.78 13.24 9.51
CA ASP B 241 -5.94 12.03 9.69
C ASP B 241 -4.96 12.22 10.86
N ALA B 242 -4.42 13.41 11.09
CA ALA B 242 -3.51 13.64 12.24
C ALA B 242 -4.27 13.31 13.52
N VAL B 243 -5.53 13.72 13.59
CA VAL B 243 -6.40 13.47 14.78
C VAL B 243 -6.57 11.95 14.92
N THR B 244 -6.95 11.25 13.85
CA THR B 244 -7.26 9.79 13.91
C THR B 244 -5.98 9.03 14.27
N TRP B 245 -4.90 9.35 13.57
CA TRP B 245 -3.65 8.55 13.70
C TRP B 245 -3.03 8.79 15.07
N THR B 246 -3.07 10.02 15.59
CA THR B 246 -2.47 10.32 16.90
C THR B 246 -3.22 9.48 17.95
N ALA B 247 -4.54 9.39 17.83
CA ALA B 247 -5.35 8.64 18.82
C ALA B 247 -4.95 7.15 18.73
N GLN B 248 -4.80 6.64 17.52
CA GLN B 248 -4.33 5.24 17.31
C GLN B 248 -2.93 5.05 17.90
N LEU B 249 -2.00 5.98 17.68
CA LEU B 249 -0.62 5.82 18.21
C LEU B 249 -0.67 5.77 19.76
N ALA B 250 -1.50 6.60 20.36
CA ALA B 250 -1.66 6.64 21.84
C ALA B 250 -2.23 5.28 22.31
N SER B 251 -3.31 4.82 21.68
N SER B 251 -3.26 4.78 21.64
CA SER B 251 -3.98 3.54 21.98
CA SER B 251 -3.96 3.56 22.07
C SER B 251 -2.94 2.40 21.96
C SER B 251 -3.07 2.33 21.84
N ALA B 252 -2.08 2.44 20.93
CA ALA B 252 -1.05 1.39 20.68
C ALA B 252 0.14 1.50 21.65
N GLY B 253 0.23 2.56 22.47
CA GLY B 253 1.40 2.79 23.33
C GLY B 253 2.64 3.23 22.57
N ALA B 254 2.49 3.88 21.42
CA ALA B 254 3.65 4.24 20.57
C ALA B 254 4.06 5.71 20.78
N THR B 255 3.20 6.54 21.37
CA THR B 255 3.51 7.99 21.53
C THR B 255 4.78 8.13 22.38
N GLN B 256 5.12 7.16 23.24
CA GLN B 256 6.32 7.25 24.09
C GLN B 256 7.56 7.38 23.21
N TYR B 257 7.52 6.92 21.96
CA TYR B 257 8.70 6.91 21.08
C TYR B 257 8.77 8.15 20.16
N LEU B 258 7.80 9.05 20.26
CA LEU B 258 7.72 10.20 19.33
C LEU B 258 8.16 11.50 20.01
N ALA B 259 8.66 12.44 19.22
CA ALA B 259 8.99 13.80 19.72
C ALA B 259 7.95 14.82 19.25
N ARG B 260 7.37 14.66 18.05
CA ARG B 260 6.47 15.67 17.47
C ARG B 260 5.36 14.95 16.68
N ILE B 261 4.17 15.51 16.74
CA ILE B 261 3.04 15.13 15.87
C ILE B 261 3.00 16.17 14.77
N THR B 262 2.81 15.73 13.55
CA THR B 262 2.79 16.65 12.42
C THR B 262 1.53 16.46 11.57
N SER B 263 1.25 17.47 10.78
CA SER B 263 0.08 17.51 9.87
C SER B 263 0.33 18.56 8.81
N HIS B 264 -0.17 18.31 7.61
CA HIS B 264 -0.45 19.38 6.64
C HIS B 264 -1.92 19.78 6.73
N TRP B 265 -2.29 20.82 6.00
CA TRP B 265 -3.64 21.43 6.05
C TRP B 265 -4.34 21.42 4.68
N TYR B 266 -3.80 20.70 3.71
CA TYR B 266 -4.38 20.73 2.34
C TYR B 266 -5.80 20.14 2.33
N ALA B 267 -6.04 18.96 2.89
CA ALA B 267 -7.34 18.24 2.78
C ALA B 267 -8.32 18.69 3.87
N SER B 268 -7.81 19.24 4.97
CA SER B 268 -8.60 19.63 6.15
C SER B 268 -7.69 20.41 7.09
N LYS B 269 -8.25 21.39 7.78
CA LYS B 269 -7.51 22.25 8.74
C LYS B 269 -7.90 21.90 10.17
N GLY B 270 -7.07 22.34 11.12
CA GLY B 270 -7.41 22.23 12.55
C GLY B 270 -8.22 23.43 13.04
N THR B 271 -9.32 23.21 13.75
CA THR B 271 -10.09 24.27 14.46
C THR B 271 -10.15 23.95 15.95
N SER B 272 -9.49 22.88 16.38
CA SER B 272 -9.36 22.54 17.82
C SER B 272 -8.10 21.70 17.95
N PRO B 273 -7.49 21.68 19.15
CA PRO B 273 -6.24 20.96 19.36
C PRO B 273 -6.41 19.44 19.24
N ILE B 274 -5.32 18.79 18.86
CA ILE B 274 -5.20 17.30 19.02
C ILE B 274 -5.00 17.03 20.51
N ASN B 275 -5.72 16.04 21.06
CA ASN B 275 -5.58 15.60 22.47
C ASN B 275 -4.27 14.82 22.61
N THR B 276 -3.15 15.50 22.82
CA THR B 276 -1.82 14.87 23.04
C THR B 276 -0.98 15.83 23.90
N SER B 277 -0.09 15.28 24.69
CA SER B 277 0.95 16.07 25.42
C SER B 277 2.11 16.39 24.46
N LEU B 278 2.21 15.75 23.29
CA LEU B 278 3.29 16.06 22.31
C LEU B 278 3.02 17.38 21.63
N ARG B 279 4.08 18.14 21.37
CA ARG B 279 4.00 19.34 20.52
C ARG B 279 3.55 18.93 19.11
N VAL B 280 2.67 19.74 18.55
CA VAL B 280 2.08 19.47 17.22
C VAL B 280 2.59 20.52 16.24
N TRP B 281 3.02 20.09 15.09
CA TRP B 281 3.51 20.99 14.01
C TRP B 281 2.64 20.90 12.79
N GLU B 282 2.25 22.04 12.23
CA GLU B 282 1.73 22.12 10.86
C GLU B 282 2.95 22.25 9.94
N THR B 283 3.34 21.19 9.23
CA THR B 283 4.69 21.06 8.62
C THR B 283 4.67 21.42 7.14
N GLU B 284 3.52 21.72 6.57
CA GLU B 284 3.46 22.17 5.15
C GLU B 284 2.06 22.62 4.77
N TYR B 285 1.88 23.88 4.47
CA TYR B 285 0.62 24.39 3.90
C TYR B 285 0.98 25.63 3.09
N ALA B 286 0.40 25.73 1.91
CA ALA B 286 0.68 26.83 0.97
C ALA B 286 -0.45 26.95 -0.05
N ASP B 287 -0.44 28.08 -0.70
CA ASP B 287 -1.18 28.27 -1.97
C ASP B 287 -0.22 27.85 -3.08
N LEU B 288 -0.52 26.74 -3.72
CA LEU B 288 0.40 26.10 -4.67
C LEU B 288 0.04 26.56 -6.08
N ASP B 289 -1.06 27.29 -6.27
CA ASP B 289 -1.68 27.38 -7.61
C ASP B 289 -1.77 28.80 -8.15
N ASP B 290 -1.71 29.82 -7.31
CA ASP B 290 -1.92 31.22 -7.72
C ASP B 290 -0.55 31.90 -7.93
N ALA B 291 -0.59 33.08 -8.54
CA ALA B 291 0.58 33.93 -8.80
C ALA B 291 1.19 34.36 -7.45
N PHE B 292 2.49 34.54 -7.45
CA PHE B 292 3.21 35.21 -6.35
C PHE B 292 2.68 36.64 -6.24
N THR B 293 2.46 37.14 -5.04
CA THR B 293 2.04 38.56 -4.89
C THR B 293 2.65 39.20 -3.65
N THR B 294 2.94 40.49 -3.76
CA THR B 294 3.29 41.33 -2.59
C THR B 294 2.02 41.77 -1.86
N THR B 295 0.81 41.52 -2.39
CA THR B 295 -0.47 42.05 -1.84
C THR B 295 -0.64 41.55 -0.39
N TRP B 296 -0.89 42.48 0.52
CA TRP B 296 -1.33 42.16 1.91
C TRP B 296 -2.83 41.86 1.88
N TYR B 297 -3.64 42.83 1.42
CA TYR B 297 -5.09 42.66 1.35
C TYR B 297 -5.60 43.36 0.10
N SER B 298 -6.43 42.67 -0.69
CA SER B 298 -7.16 43.28 -1.82
C SER B 298 -8.59 42.73 -1.83
N SER B 299 -8.76 41.41 -1.95
CA SER B 299 -10.10 40.80 -2.11
C SER B 299 -10.22 39.54 -1.27
N GLY B 300 -9.27 39.25 -0.37
CA GLY B 300 -9.32 38.03 0.44
C GLY B 300 -8.85 36.78 -0.31
N ALA B 301 -8.15 36.92 -1.44
CA ALA B 301 -7.66 35.80 -2.27
C ALA B 301 -6.64 34.93 -1.50
N ALA B 302 -6.50 33.69 -1.93
CA ALA B 302 -5.68 32.64 -1.27
C ALA B 302 -4.18 33.00 -1.20
N ASN B 303 -3.67 33.90 -2.06
CA ASN B 303 -2.24 34.25 -2.14
C ASN B 303 -1.94 35.54 -1.34
N GLU B 304 -2.91 36.13 -0.66
CA GLU B 304 -2.74 37.45 0.02
C GLU B 304 -2.17 37.26 1.42
N GLY B 305 -1.30 38.17 1.82
CA GLY B 305 -0.69 38.11 3.18
C GLY B 305 -1.70 37.97 4.30
N LEU B 306 -2.74 38.80 4.30
CA LEU B 306 -3.69 38.79 5.43
C LEU B 306 -4.39 37.42 5.50
N THR B 307 -4.67 36.78 4.37
CA THR B 307 -5.23 35.41 4.37
C THR B 307 -4.33 34.49 5.21
N TRP B 308 -3.03 34.63 5.02
CA TRP B 308 -2.05 33.77 5.74
C TRP B 308 -1.93 34.19 7.21
N ALA B 309 -1.98 35.48 7.53
CA ALA B 309 -1.95 35.89 8.96
C ALA B 309 -3.07 35.15 9.69
N ASN B 310 -4.27 35.10 9.10
CA ASN B 310 -5.46 34.50 9.71
C ASN B 310 -5.28 32.97 9.83
N LEU B 311 -4.69 32.33 8.83
CA LEU B 311 -4.44 30.85 8.87
C LEU B 311 -3.46 30.55 9.98
N ILE B 312 -2.39 31.35 10.12
CA ILE B 312 -1.39 31.12 11.21
C ILE B 312 -2.09 31.32 12.56
N TRP B 313 -2.92 32.34 12.68
CA TRP B 313 -3.68 32.62 13.93
C TRP B 313 -4.52 31.37 14.23
N GLN B 314 -5.25 30.87 13.22
CA GLN B 314 -6.15 29.71 13.47
C GLN B 314 -5.31 28.56 14.04
N GLY B 315 -4.16 28.27 13.42
CA GLY B 315 -3.35 27.11 13.82
C GLY B 315 -2.82 27.27 15.26
N VAL B 316 -2.22 28.42 15.54
CA VAL B 316 -1.54 28.65 16.85
C VAL B 316 -2.59 28.82 17.95
N VAL B 317 -3.67 29.56 17.69
CA VAL B 317 -4.61 29.93 18.79
C VAL B 317 -5.75 28.91 18.88
N GLU B 318 -6.31 28.47 17.76
CA GLU B 318 -7.48 27.52 17.81
C GLU B 318 -6.99 26.07 17.84
N ALA B 319 -5.87 25.74 17.19
CA ALA B 319 -5.41 24.32 17.09
C ALA B 319 -4.20 24.03 17.97
N ASP B 320 -3.78 24.99 18.79
CA ASP B 320 -2.65 24.90 19.73
C ASP B 320 -1.38 24.40 19.00
N LEU B 321 -1.12 24.84 17.77
CA LEU B 321 0.12 24.42 17.08
C LEU B 321 1.35 24.97 17.82
N SER B 322 2.39 24.15 17.91
CA SER B 322 3.73 24.59 18.35
C SER B 322 4.53 25.16 17.17
N ALA B 323 4.16 24.83 15.94
CA ALA B 323 4.87 25.34 14.75
C ALA B 323 3.92 25.45 13.59
N PHE B 324 4.19 26.39 12.70
CA PHE B 324 3.46 26.54 11.42
C PHE B 324 4.48 26.79 10.31
N LEU B 325 4.50 25.92 9.31
CA LEU B 325 5.42 26.00 8.17
C LEU B 325 4.61 26.22 6.89
N TYR B 326 5.18 27.04 6.02
CA TYR B 326 4.78 27.19 4.63
C TYR B 326 5.39 26.04 3.84
N TRP B 327 5.24 26.08 2.52
CA TRP B 327 5.90 25.08 1.65
C TRP B 327 7.32 25.58 1.38
N ILE B 328 7.53 26.35 0.33
CA ILE B 328 8.92 26.76 -0.05
C ILE B 328 9.23 28.14 0.53
N GLY B 329 10.43 28.31 1.07
CA GLY B 329 10.90 29.62 1.54
C GLY B 329 11.22 30.53 0.38
N ALA B 330 12.17 30.12 -0.45
CA ALA B 330 12.63 30.94 -1.58
C ALA B 330 12.88 30.06 -2.79
N GLN B 331 12.45 30.53 -3.95
CA GLN B 331 12.74 29.75 -5.19
C GLN B 331 12.81 30.73 -6.35
N SER B 332 13.19 30.23 -7.52
CA SER B 332 13.31 31.09 -8.73
C SER B 332 11.96 31.13 -9.44
N ASN B 333 11.53 32.30 -9.90
CA ASN B 333 10.29 32.47 -10.68
C ASN B 333 9.11 31.89 -9.88
N SER B 334 9.10 32.12 -8.58
CA SER B 334 8.09 31.49 -7.70
C SER B 334 6.68 31.91 -8.08
N ASN B 335 5.72 30.98 -7.96
CA ASN B 335 4.29 31.33 -7.78
C ASN B 335 4.02 31.49 -6.26
N ALA B 336 2.79 31.41 -5.82
CA ALA B 336 2.50 31.68 -4.39
C ALA B 336 3.01 30.55 -3.50
N ALA B 337 3.59 29.48 -4.05
CA ALA B 337 4.07 28.30 -3.30
C ALA B 337 5.36 28.68 -2.52
N GLY B 338 5.99 29.81 -2.84
CA GLY B 338 7.17 30.30 -2.13
C GLY B 338 6.91 31.63 -1.43
N LEU B 339 7.60 31.86 -0.33
CA LEU B 339 7.48 33.14 0.40
C LEU B 339 8.31 34.25 -0.29
N VAL B 340 9.43 33.88 -0.88
CA VAL B 340 10.38 34.82 -1.50
C VAL B 340 10.67 34.30 -2.90
N THR B 341 10.77 35.18 -3.89
CA THR B 341 11.11 34.79 -5.27
C THR B 341 12.40 35.49 -5.71
N LEU B 342 13.15 34.78 -6.54
CA LEU B 342 14.23 35.37 -7.35
C LEU B 342 13.75 35.35 -8.80
N ASN B 343 13.50 36.53 -9.35
CA ASN B 343 13.10 36.65 -10.78
C ASN B 343 14.22 37.39 -11.51
N GLY B 344 15.03 36.67 -12.27
CA GLY B 344 16.27 37.22 -12.84
C GLY B 344 17.26 37.48 -11.71
N SER B 345 17.53 38.75 -11.38
CA SER B 345 18.41 39.12 -10.23
C SER B 345 17.58 39.81 -9.14
N THR B 346 16.26 39.98 -9.35
CA THR B 346 15.37 40.74 -8.46
C THR B 346 14.88 39.78 -7.38
N VAL B 347 15.15 40.09 -6.13
CA VAL B 347 14.63 39.29 -4.97
C VAL B 347 13.42 40.05 -4.40
N GLN B 348 12.25 39.42 -4.32
CA GLN B 348 11.02 40.08 -3.83
C GLN B 348 10.41 39.25 -2.71
N ALA B 349 9.93 39.91 -1.68
CA ALA B 349 9.14 39.28 -0.61
C ALA B 349 7.64 39.34 -0.90
N SER B 350 6.96 38.23 -0.68
CA SER B 350 5.49 38.17 -0.76
C SER B 350 4.83 38.87 0.43
N GLY B 351 3.55 39.23 0.31
CA GLY B 351 2.75 39.62 1.48
C GLY B 351 2.74 38.55 2.52
N THR B 352 2.73 37.29 2.09
CA THR B 352 2.71 36.14 3.02
C THR B 352 4.00 36.12 3.85
N LEU B 353 5.14 36.46 3.27
CA LEU B 353 6.39 36.56 4.09
C LEU B 353 6.12 37.47 5.29
N TRP B 354 5.48 38.62 5.08
CA TRP B 354 5.30 39.64 6.16
C TRP B 354 4.28 39.17 7.18
N ALA B 355 3.30 38.36 6.75
CA ALA B 355 2.37 37.68 7.69
C ALA B 355 3.19 36.78 8.60
N PHE B 356 4.09 35.97 8.06
CA PHE B 356 4.95 35.11 8.90
C PHE B 356 5.80 36.01 9.83
N ALA B 357 6.34 37.12 9.32
CA ALA B 357 7.21 38.03 10.12
C ALA B 357 6.48 38.51 11.36
N MET B 358 5.19 38.86 11.21
CA MET B 358 4.42 39.48 12.30
C MET B 358 4.24 38.47 13.44
N PHE B 359 4.40 37.18 13.20
CA PHE B 359 4.43 36.15 14.28
C PHE B 359 5.88 35.85 14.68
N SER B 360 6.70 35.45 13.71
CA SER B 360 7.99 34.80 13.98
C SER B 360 9.04 35.79 14.51
N ARG B 361 9.01 37.07 14.10
CA ARG B 361 10.03 38.03 14.57
C ARG B 361 9.93 38.12 16.09
N PHE B 362 8.73 37.97 16.62
CA PHE B 362 8.41 38.38 18.01
C PHE B 362 8.16 37.17 18.91
N ILE B 363 7.52 36.12 18.36
CA ILE B 363 7.23 34.88 19.12
C ILE B 363 8.38 33.92 18.84
N ARG B 364 9.34 33.88 19.73
CA ARG B 364 10.59 33.11 19.55
C ARG B 364 10.39 31.74 20.15
N PRO B 365 11.22 30.78 19.72
CA PRO B 365 11.16 29.43 20.27
C PRO B 365 11.13 29.43 21.80
N ASP B 366 10.34 28.52 22.35
CA ASP B 366 10.18 28.28 23.81
C ASP B 366 9.26 29.34 24.40
N ALA B 367 8.60 30.15 23.57
CA ALA B 367 7.46 30.94 24.04
C ALA B 367 6.34 29.99 24.50
N VAL B 368 5.43 30.49 25.33
CA VAL B 368 4.26 29.68 25.76
C VAL B 368 3.02 30.50 25.44
N ARG B 369 2.04 29.92 24.75
CA ARG B 369 0.78 30.60 24.48
C ARG B 369 0.04 30.78 25.80
N ILE B 370 -0.55 31.95 26.00
CA ILE B 370 -1.32 32.30 27.23
C ILE B 370 -2.73 32.72 26.80
N SER B 371 -3.66 32.73 27.75
CA SER B 371 -5.10 32.95 27.51
C SER B 371 -5.37 34.40 27.12
N THR B 372 -6.24 34.61 26.13
CA THR B 372 -6.93 35.90 25.93
C THR B 372 -8.43 35.64 25.80
N SER B 373 -9.21 36.67 26.07
CA SER B 373 -10.68 36.67 25.87
C SER B 373 -11.13 38.08 25.49
N GLY B 374 -12.35 38.16 24.98
CA GLY B 374 -13.03 39.44 24.69
C GLY B 374 -12.58 40.02 23.38
N SER B 375 -12.12 39.20 22.45
CA SER B 375 -11.83 39.67 21.07
C SER B 375 -13.06 40.36 20.53
N PRO B 376 -12.94 41.60 20.01
CA PRO B 376 -14.02 42.22 19.29
C PRO B 376 -14.33 41.39 18.04
N SER B 377 -15.51 41.64 17.50
CA SER B 377 -16.04 40.93 16.34
C SER B 377 -15.09 41.12 15.15
N ASN B 378 -14.72 40.01 14.51
CA ASN B 378 -13.84 39.96 13.32
C ASN B 378 -12.45 40.49 13.68
N VAL B 379 -12.06 40.42 14.95
CA VAL B 379 -10.66 40.70 15.36
C VAL B 379 -10.12 39.41 15.99
N ASN B 380 -9.07 38.87 15.40
CA ASN B 380 -8.41 37.63 15.91
C ASN B 380 -7.25 38.03 16.83
N VAL B 381 -7.24 37.52 18.04
CA VAL B 381 -6.24 37.87 19.07
C VAL B 381 -5.50 36.60 19.53
N GLY B 382 -4.22 36.75 19.81
CA GLY B 382 -3.41 35.70 20.46
C GLY B 382 -2.39 36.34 21.40
N ALA B 383 -1.99 35.63 22.44
CA ALA B 383 -0.94 36.13 23.35
C ALA B 383 0.03 35.01 23.72
N PHE B 384 1.27 35.40 23.99
CA PHE B 384 2.40 34.48 24.23
C PHE B 384 3.33 35.11 25.26
N LYS B 385 3.97 34.29 26.06
CA LYS B 385 5.05 34.73 26.97
C LYS B 385 6.34 34.07 26.49
N ASN B 386 7.27 34.90 26.02
CA ASN B 386 8.61 34.44 25.59
C ASN B 386 9.36 33.92 26.81
N ALA B 387 10.35 33.09 26.54
CA ALA B 387 11.27 32.56 27.56
C ALA B 387 12.01 33.71 28.28
N ASP B 388 12.23 34.86 27.64
CA ASP B 388 12.90 36.04 28.25
C ASP B 388 11.91 36.85 29.12
N GLY B 389 10.63 36.44 29.21
CA GLY B 389 9.56 37.08 30.00
C GLY B 389 8.76 38.14 29.23
N SER B 390 9.11 38.49 28.01
CA SER B 390 8.33 39.48 27.24
C SER B 390 6.97 38.88 26.90
N ILE B 391 5.95 39.71 26.86
CA ILE B 391 4.60 39.25 26.50
C ILE B 391 4.30 39.76 25.09
N VAL B 392 3.95 38.87 24.18
CA VAL B 392 3.63 39.26 22.78
C VAL B 392 2.14 39.08 22.58
N VAL B 393 1.46 40.12 22.09
CA VAL B 393 0.02 40.09 21.76
C VAL B 393 -0.11 40.41 20.28
N VAL B 394 -0.82 39.54 19.57
CA VAL B 394 -1.11 39.76 18.14
C VAL B 394 -2.60 40.07 18.04
N ALA B 395 -2.97 40.97 17.14
CA ALA B 395 -4.36 41.40 16.94
C ALA B 395 -4.54 41.57 15.44
N ILE B 396 -5.41 40.78 14.85
CA ILE B 396 -5.67 40.85 13.40
C ILE B 396 -7.05 41.43 13.21
N ASN B 397 -7.11 42.62 12.65
CA ASN B 397 -8.38 43.35 12.46
C ASN B 397 -8.84 43.06 11.01
N ASN B 398 -9.83 42.18 10.85
CA ASN B 398 -10.38 41.78 9.53
C ASN B 398 -11.57 42.66 9.11
N ASN B 399 -11.92 43.67 9.88
CA ASN B 399 -12.95 44.68 9.55
C ASN B 399 -12.36 45.66 8.55
N GLY B 400 -13.23 46.32 7.78
CA GLY B 400 -12.85 47.36 6.83
C GLY B 400 -12.76 48.74 7.47
N ASN B 401 -12.86 48.81 8.80
CA ASN B 401 -12.68 50.04 9.60
C ASN B 401 -11.71 49.77 10.75
N SER B 402 -11.04 50.82 11.19
CA SER B 402 -10.14 50.81 12.35
C SER B 402 -10.99 50.57 13.59
N GLU B 403 -10.41 50.03 14.64
CA GLU B 403 -11.09 50.07 15.96
C GLU B 403 -10.04 50.01 17.05
N THR B 404 -10.41 50.57 18.19
CA THR B 404 -9.54 50.70 19.38
C THR B 404 -9.66 49.46 20.25
N ILE B 405 -8.52 48.96 20.74
CA ILE B 405 -8.48 47.91 21.79
C ILE B 405 -7.63 48.40 22.95
N SER B 406 -7.83 47.79 24.11
CA SER B 406 -6.96 47.91 25.31
C SER B 406 -6.72 46.51 25.85
N LEU B 407 -5.58 46.30 26.50
CA LEU B 407 -5.20 44.95 26.97
C LEU B 407 -5.19 44.95 28.50
N SER B 408 -6.27 44.45 29.09
CA SER B 408 -6.42 44.24 30.54
C SER B 408 -5.63 43.01 30.97
N GLY B 409 -5.21 42.99 32.23
CA GLY B 409 -4.68 41.77 32.87
C GLY B 409 -3.18 41.71 32.81
N ILE B 410 -2.55 42.68 32.14
CA ILE B 410 -1.07 42.85 32.27
C ILE B 410 -0.75 44.31 32.60
N THR B 411 0.19 44.49 33.53
CA THR B 411 0.80 45.80 33.90
C THR B 411 2.08 45.94 33.10
N ALA B 412 2.04 46.73 32.03
CA ALA B 412 3.21 46.94 31.18
C ALA B 412 4.05 48.11 31.71
N SER B 413 5.37 47.93 31.78
N SER B 413 5.35 47.91 31.83
CA SER B 413 6.38 48.99 32.03
CA SER B 413 6.33 49.00 32.03
C SER B 413 6.84 49.59 30.69
C SER B 413 6.60 49.65 30.66
N LYS B 414 6.71 48.84 29.59
CA LYS B 414 7.19 49.27 28.25
C LYS B 414 6.45 48.51 27.17
N VAL B 415 6.18 49.17 26.04
CA VAL B 415 5.65 48.44 24.87
C VAL B 415 6.38 48.94 23.62
N SER B 416 6.71 48.01 22.73
CA SER B 416 7.15 48.26 21.35
C SER B 416 6.21 47.47 20.46
N ALA B 417 5.62 48.15 19.50
CA ALA B 417 4.65 47.48 18.61
C ALA B 417 4.96 47.77 17.15
N TYR B 418 4.46 46.87 16.30
CA TYR B 418 4.64 46.94 14.83
C TYR B 418 3.33 46.55 14.18
N TYR B 419 3.13 46.96 12.93
CA TYR B 419 1.92 46.59 12.19
C TYR B 419 2.26 46.36 10.73
N MET B 420 1.34 45.64 10.10
CA MET B 420 1.38 45.37 8.66
C MET B 420 0.00 45.63 8.10
N ASP B 421 -0.06 46.31 6.96
CA ASP B 421 -1.34 46.47 6.22
C ASP B 421 -0.96 46.78 4.77
N SER B 422 -1.95 47.08 3.95
N SER B 422 -1.97 47.09 3.96
CA SER B 422 -1.74 47.26 2.49
CA SER B 422 -1.82 47.29 2.50
C SER B 422 -1.05 48.60 2.20
C SER B 422 -1.10 48.61 2.20
N ALA B 423 -0.96 49.50 3.18
CA ALA B 423 -0.41 50.86 2.98
C ALA B 423 1.09 50.92 3.30
N VAL B 424 1.72 49.84 3.81
CA VAL B 424 3.16 49.84 4.16
C VAL B 424 3.82 48.70 3.40
N SER B 425 5.12 48.83 3.12
CA SER B 425 5.96 47.90 2.36
C SER B 425 6.36 46.70 3.21
N SER B 426 6.48 46.88 4.52
CA SER B 426 6.91 45.80 5.45
C SER B 426 6.55 46.26 6.84
N PRO B 427 6.68 45.40 7.87
CA PRO B 427 6.20 45.77 9.21
C PRO B 427 6.80 47.14 9.64
N SER B 428 5.96 47.99 10.21
CA SER B 428 6.30 49.40 10.51
C SER B 428 5.94 49.69 11.97
N THR B 429 6.57 50.69 12.55
CA THR B 429 6.25 51.07 13.94
C THR B 429 4.74 51.30 14.09
N PHE B 430 4.15 50.72 15.13
CA PHE B 430 2.76 50.92 15.53
C PHE B 430 2.72 51.79 16.79
N SER B 431 1.85 52.80 16.75
CA SER B 431 1.66 53.80 17.82
C SER B 431 0.75 53.21 18.90
N ALA B 432 1.28 52.22 19.62
CA ALA B 432 0.61 51.70 20.81
C ALA B 432 0.64 52.76 21.91
N THR B 433 -0.43 52.76 22.70
CA THR B 433 -0.66 53.66 23.85
C THR B 433 -0.37 52.89 25.12
N LEU B 434 0.04 53.63 26.14
CA LEU B 434 0.29 53.03 27.47
C LEU B 434 -0.21 54.01 28.53
N ASN B 435 -1.21 53.60 29.33
CA ASN B 435 -1.88 54.48 30.34
C ASN B 435 -2.20 53.66 31.57
N GLY B 436 -1.57 54.03 32.68
CA GLY B 436 -1.68 53.30 33.96
C GLY B 436 -1.35 51.84 33.82
N GLY B 437 -0.35 51.48 33.01
CA GLY B 437 0.12 50.09 32.81
C GLY B 437 -0.66 49.34 31.74
N THR B 438 -1.70 49.97 31.16
CA THR B 438 -2.58 49.33 30.17
C THR B 438 -2.16 49.73 28.76
N VAL B 439 -1.84 48.73 27.94
CA VAL B 439 -1.43 48.91 26.51
C VAL B 439 -2.67 48.98 25.66
N GLY B 440 -2.66 49.82 24.64
CA GLY B 440 -3.84 50.02 23.78
C GLY B 440 -3.42 50.36 22.36
N GLY B 441 -4.40 50.48 21.48
CA GLY B 441 -4.11 51.09 20.18
C GLY B 441 -5.31 51.08 19.28
N SER B 442 -5.22 51.85 18.22
CA SER B 442 -6.18 51.89 17.11
C SER B 442 -5.68 50.96 16.02
N LEU B 443 -6.30 49.78 15.92
CA LEU B 443 -5.97 48.76 14.89
C LEU B 443 -6.45 49.21 13.53
N PRO B 444 -5.54 49.39 12.56
CA PRO B 444 -5.95 49.74 11.21
C PRO B 444 -6.88 48.67 10.64
N ALA B 445 -7.69 49.09 9.66
CA ALA B 445 -8.49 48.16 8.85
C ALA B 445 -7.57 47.10 8.21
N ARG B 446 -8.07 45.86 8.15
CA ARG B 446 -7.46 44.79 7.34
C ARG B 446 -5.95 44.66 7.66
N SER B 447 -5.60 44.62 8.93
CA SER B 447 -4.21 44.78 9.40
C SER B 447 -3.86 43.72 10.40
N MET B 448 -2.58 43.57 10.67
CA MET B 448 -2.13 42.79 11.84
C MET B 448 -1.23 43.70 12.67
N VAL B 449 -1.42 43.69 13.98
CA VAL B 449 -0.59 44.45 14.94
C VAL B 449 0.04 43.43 15.87
N THR B 450 1.32 43.59 16.16
CA THR B 450 2.01 42.80 17.20
C THR B 450 2.55 43.79 18.25
N PHE B 451 2.18 43.56 19.50
CA PHE B 451 2.66 44.30 20.67
C PHE B 451 3.70 43.45 21.39
N VAL B 452 4.88 44.02 21.69
CA VAL B 452 5.92 43.33 22.48
C VAL B 452 6.00 44.06 23.81
N ILE B 453 5.49 43.41 24.85
CA ILE B 453 5.23 44.08 26.17
C ILE B 453 6.23 43.61 27.22
N THR B 454 6.88 44.57 27.88
CA THR B 454 7.75 44.33 29.05
C THR B 454 6.91 44.58 30.31
N THR B 455 6.84 43.59 31.19
CA THR B 455 6.32 43.77 32.57
C THR B 455 7.49 44.22 33.47
#